data_4CDQ
#
_entry.id   4CDQ
#
_cell.length_a   599.769
_cell.length_b   599.769
_cell.length_c   599.769
_cell.angle_alpha   90.00
_cell.angle_beta   90.00
_cell.angle_gamma   90.00
#
_symmetry.space_group_name_H-M   'I 2 3'
#
loop_
_entity.id
_entity.type
_entity.pdbx_description
1 polymer VP1
2 polymer VP2
3 polymer VP3
4 polymer VP4
5 non-polymer '4-((5-(2-oxo-3-(pyridin-4-yl)imidazolidin-1-yl)pentyl)oxy)benzaldehyde O-ethyl oxime'
6 non-polymer 'SODIUM ION'
7 water water
#
loop_
_entity_poly.entity_id
_entity_poly.type
_entity_poly.pdbx_seq_one_letter_code
_entity_poly.pdbx_strand_id
1 'polypeptide(L)'
;GDRVADVIESSIGDSVSRALTHALPAPTGQNTQVSSHRLDTGKVPALQAAEIGASSNASDESMIETRCVLNSHSTAETTL
DSFFSRAGLVGEIDLPLKGTTNPNGYANWDIDITGYAQMRRKVELFTYMRFDAEFTFVACTPTGEVVPQLLQYMFVPPGA
PKPDSRESLAWQTATNPSVFVKLSDPPAQVSVPFMSPASAYQWFYDGYPTFGEHKQEKDLEYGACPNNMMGTFSVRTVGT
SKSKYPLVVRIYMRMKHVRAWIPRPMRNQNYLFKANPNYAGNSIKPTGASRTAITTL
;
A
2 'polypeptide(L)'
;SPSAEACGYSDRVAQLTIGNSTITTQEAANIIVGYGEWPSYCSDSDATAVDKPTRPDVSVNRFYTLDTKLWEKSSKGWYW
KFPDVLTETGVFGQNAQFHYLYRSGFCIHVQCNASKFHQGALLVAVLPEYVIGTVAGGTGTEDTHPPYKQTQPGADGFEL
QHPYVLDAGIPISQLTVCPHQWINLRTNNCATIIVPYINALPFDSALNHCNFGLLVVPISPLDYDQGATPVIPITITLAP
MCSEFAGLRQAVTQ
;
B
3 'polypeptide(L)'
;GFPTELKPGTNQFLTTDDGVSAPILPNFHPTPCIHIPGEVRNLLELCQVETILEVNNVPTNATSLMERLRFPVSAQAGKG
ELCAVFRADPGRNGPWQSTLLGQLCGYYTQWSGSLEVTFMFTGSFMATGKMLIAYTPPGGPLPKDRATAMLGTHVIWDFG
LQSSVTLVIPWISNTHYRAHARDGVFDYYTTGLVSIWYQTNYVVPIGAPNTAYIIALAAAQKNFTMKLCKDASDILQTGT
IQ
;
C
4 'polypeptide(L)' MGSQVSTQRSGSHENSNSATEGSTINYTTINYYKDSYAATAGKQSLKQDPDKFANPVKDIFTEMAAPLK D
#
loop_
_chem_comp.id
_chem_comp.type
_chem_comp.name
_chem_comp.formula
7VR non-polymer '4-((5-(2-oxo-3-(pyridin-4-yl)imidazolidin-1-yl)pentyl)oxy)benzaldehyde O-ethyl oxime' 'C22 H28 N4 O3'
NA non-polymer 'SODIUM ION' 'Na 1'
#
# COMPACT_ATOMS: atom_id res chain seq x y z
N GLY A 1 -45.45 1.31 -11.34
CA GLY A 1 -45.23 2.61 -12.03
C GLY A 1 -44.93 3.76 -11.07
N ASP A 2 -44.14 4.72 -11.54
CA ASP A 2 -43.73 5.90 -10.75
C ASP A 2 -44.52 7.15 -11.16
N ARG A 3 -44.53 8.17 -10.31
CA ARG A 3 -45.27 9.39 -10.59
C ARG A 3 -44.76 10.67 -9.89
N VAL A 4 -44.39 10.60 -8.60
CA VAL A 4 -43.89 11.81 -7.93
C VAL A 4 -42.54 12.15 -8.52
N ALA A 5 -42.32 13.43 -8.76
CA ALA A 5 -41.09 13.87 -9.39
C ALA A 5 -39.77 13.45 -8.76
N ASP A 6 -39.65 13.49 -7.43
CA ASP A 6 -38.37 13.12 -6.83
C ASP A 6 -37.94 11.68 -7.12
N VAL A 7 -38.91 10.80 -7.35
CA VAL A 7 -38.61 9.41 -7.68
C VAL A 7 -38.11 9.28 -9.11
N ILE A 8 -38.76 9.99 -10.02
CA ILE A 8 -38.40 9.99 -11.43
C ILE A 8 -36.98 10.53 -11.63
N GLU A 9 -36.69 11.67 -11.02
CA GLU A 9 -35.37 12.27 -11.15
C GLU A 9 -34.34 11.72 -10.18
N SER A 10 -34.59 10.53 -9.63
CA SER A 10 -33.68 9.92 -8.67
C SER A 10 -32.50 9.23 -9.33
N SER A 11 -31.39 9.14 -8.60
CA SER A 11 -30.18 8.48 -9.09
C SER A 11 -29.96 7.20 -8.27
N ILE A 12 -30.92 6.89 -7.40
CA ILE A 12 -30.86 5.69 -6.57
C ILE A 12 -30.81 4.52 -7.54
N GLY A 13 -29.85 3.63 -7.36
CA GLY A 13 -29.75 2.49 -8.24
C GLY A 13 -28.66 2.53 -9.32
N ASP A 14 -27.99 3.67 -9.49
CA ASP A 14 -26.92 3.79 -10.49
C ASP A 14 -25.78 2.81 -10.12
N SER A 15 -25.57 1.80 -10.97
CA SER A 15 -24.57 0.76 -10.75
C SER A 15 -23.25 0.98 -11.46
N VAL A 16 -23.20 1.98 -12.34
CA VAL A 16 -21.99 2.29 -13.08
C VAL A 16 -21.15 3.27 -12.28
N SER A 17 -20.04 2.79 -11.75
CA SER A 17 -19.15 3.64 -10.97
C SER A 17 -18.39 4.57 -11.90
N ARG A 18 -18.66 5.88 -11.77
CA ARG A 18 -17.99 6.86 -12.59
C ARG A 18 -16.51 6.92 -12.17
N ALA A 19 -15.61 6.76 -13.15
CA ALA A 19 -14.17 6.80 -12.90
C ALA A 19 -13.57 8.12 -13.39
N LEU A 20 -12.75 8.76 -12.56
CA LEU A 20 -12.15 10.04 -12.92
C LEU A 20 -10.87 9.87 -13.74
N THR A 21 -10.33 8.66 -13.79
CA THR A 21 -9.10 8.41 -14.52
C THR A 21 -9.23 7.18 -15.42
N HIS A 22 -8.29 7.03 -16.36
CA HIS A 22 -8.29 5.88 -17.24
C HIS A 22 -6.85 5.51 -17.62
N ALA A 23 -6.63 4.22 -17.89
CA ALA A 23 -5.31 3.73 -18.24
C ALA A 23 -4.89 4.08 -19.66
N LEU A 24 -3.60 4.31 -19.86
CA LEU A 24 -3.08 4.62 -21.17
C LEU A 24 -1.93 3.68 -21.44
N PRO A 25 -1.67 3.38 -22.71
CA PRO A 25 -0.55 2.48 -23.00
C PRO A 25 0.74 3.21 -22.66
N ALA A 26 1.69 2.50 -22.06
CA ALA A 26 2.97 3.08 -21.66
C ALA A 26 4.03 1.98 -21.66
N PRO A 27 4.46 1.54 -22.84
CA PRO A 27 5.48 0.49 -23.00
C PRO A 27 6.91 0.94 -22.73
N THR A 28 7.13 2.25 -22.80
CA THR A 28 8.45 2.80 -22.56
C THR A 28 8.34 4.04 -21.68
N GLY A 29 9.48 4.46 -21.15
CA GLY A 29 9.51 5.65 -20.32
C GLY A 29 9.21 6.86 -21.17
N GLN A 30 8.65 7.88 -20.55
CA GLN A 30 8.30 9.08 -21.30
C GLN A 30 9.52 9.80 -21.88
N ASN A 31 9.33 10.43 -23.03
CA ASN A 31 10.42 11.15 -23.68
C ASN A 31 10.59 12.54 -23.08
N THR A 32 11.67 13.20 -23.45
CA THR A 32 11.91 14.54 -22.95
C THR A 32 11.85 15.45 -24.17
N GLN A 33 11.13 16.56 -24.02
CA GLN A 33 10.95 17.55 -25.08
C GLN A 33 11.95 18.68 -24.92
N VAL A 34 12.30 19.33 -26.02
CA VAL A 34 13.20 20.46 -25.94
C VAL A 34 12.42 21.56 -25.20
N SER A 35 13.08 22.30 -24.32
CA SER A 35 12.40 23.38 -23.62
C SER A 35 13.35 24.56 -23.62
N SER A 36 12.82 25.76 -23.49
CA SER A 36 13.68 26.92 -23.47
C SER A 36 13.37 27.74 -22.23
N HIS A 37 14.01 28.91 -22.09
CA HIS A 37 13.77 29.74 -20.93
C HIS A 37 12.41 30.41 -20.99
N ARG A 38 11.76 30.49 -19.84
CA ARG A 38 10.46 31.12 -19.69
C ARG A 38 10.61 32.18 -18.58
N LEU A 39 10.27 33.42 -18.89
CA LEU A 39 10.36 34.51 -17.92
C LEU A 39 8.96 35.14 -17.84
N ASP A 40 8.02 34.40 -17.27
CA ASP A 40 6.62 34.80 -17.15
C ASP A 40 6.08 35.07 -15.76
N THR A 41 5.00 35.87 -15.73
CA THR A 41 4.27 36.14 -14.50
C THR A 41 2.99 35.32 -14.75
N GLY A 42 2.33 34.85 -13.70
CA GLY A 42 1.12 34.07 -13.91
C GLY A 42 1.37 32.58 -14.05
N LYS A 43 2.32 32.19 -14.90
CA LYS A 43 2.68 30.79 -15.10
C LYS A 43 3.68 30.40 -14.02
N VAL A 44 3.32 29.41 -13.21
CA VAL A 44 4.19 28.99 -12.10
C VAL A 44 4.11 27.47 -11.76
N PRO A 45 4.74 26.63 -12.61
CA PRO A 45 4.81 25.16 -12.50
C PRO A 45 5.45 24.64 -11.23
N ALA A 46 6.50 25.33 -10.79
CA ALA A 46 7.24 24.93 -9.61
C ALA A 46 6.49 24.99 -8.30
N LEU A 47 5.51 25.89 -8.21
CA LEU A 47 4.72 26.02 -6.98
C LEU A 47 3.57 25.02 -6.93
N GLN A 48 3.46 24.32 -5.80
CA GLN A 48 2.45 23.30 -5.59
C GLN A 48 1.72 23.50 -4.26
N ALA A 49 0.74 22.64 -4.01
CA ALA A 49 -0.02 22.68 -2.77
C ALA A 49 -0.24 21.23 -2.37
N ALA A 50 0.77 20.65 -1.71
CA ALA A 50 0.70 19.26 -1.30
C ALA A 50 -0.52 18.91 -0.47
N GLU A 51 -1.12 19.91 0.17
CA GLU A 51 -2.28 19.68 1.01
C GLU A 51 -3.42 19.01 0.24
N ILE A 52 -3.54 19.36 -1.03
CA ILE A 52 -4.58 18.82 -1.90
C ILE A 52 -4.60 17.30 -1.90
N GLY A 53 -3.44 16.68 -1.78
CA GLY A 53 -3.38 15.23 -1.76
C GLY A 53 -2.81 14.63 -3.03
N ALA A 54 -2.53 15.46 -4.02
CA ALA A 54 -1.98 14.97 -5.26
C ALA A 54 -0.49 15.16 -5.27
N SER A 55 0.19 14.45 -6.16
CA SER A 55 1.63 14.57 -6.28
C SER A 55 1.93 15.71 -7.25
N SER A 56 3.14 16.25 -7.19
CA SER A 56 3.52 17.35 -8.05
C SER A 56 3.40 17.02 -9.53
N ASN A 57 2.91 17.99 -10.29
CA ASN A 57 2.75 17.84 -11.72
C ASN A 57 3.85 18.58 -12.47
N ALA A 58 4.86 19.08 -11.75
CA ALA A 58 5.98 19.79 -12.39
C ALA A 58 6.84 18.76 -13.12
N SER A 59 7.27 19.12 -14.33
CA SER A 59 8.11 18.23 -15.13
C SER A 59 9.46 18.83 -15.42
N ASP A 60 10.39 17.98 -15.83
CA ASP A 60 11.74 18.43 -16.17
C ASP A 60 11.70 19.66 -17.07
N GLU A 61 10.94 19.56 -18.16
CA GLU A 61 10.83 20.62 -19.16
C GLU A 61 10.56 22.01 -18.62
N SER A 62 9.79 22.10 -17.54
CA SER A 62 9.47 23.41 -16.99
C SER A 62 10.34 23.90 -15.84
N MET A 63 11.26 23.07 -15.39
CA MET A 63 12.13 23.46 -14.29
C MET A 63 13.54 23.82 -14.74
N ILE A 64 13.96 23.28 -15.89
CA ILE A 64 15.28 23.55 -16.44
C ILE A 64 15.18 23.47 -17.96
N GLU A 65 16.18 23.99 -18.66
CA GLU A 65 16.18 23.92 -20.11
C GLU A 65 16.65 22.52 -20.46
N THR A 66 15.78 21.77 -21.14
CA THR A 66 16.09 20.40 -21.52
C THR A 66 16.30 20.23 -23.00
N ARG A 67 16.93 19.12 -23.36
CA ARG A 67 17.19 18.76 -24.74
C ARG A 67 16.09 17.76 -25.08
N CYS A 68 16.13 17.20 -26.28
CA CYS A 68 15.16 16.20 -26.63
C CYS A 68 15.80 14.84 -26.38
N VAL A 69 15.07 13.94 -25.74
CA VAL A 69 15.59 12.60 -25.50
C VAL A 69 14.51 11.60 -25.88
N LEU A 70 14.85 10.69 -26.79
CA LEU A 70 13.93 9.64 -27.22
C LEU A 70 14.20 8.45 -26.32
N ASN A 71 13.31 8.29 -25.36
CA ASN A 71 13.41 7.25 -24.36
C ASN A 71 12.70 5.97 -24.77
N SER A 72 13.48 4.92 -24.96
CA SER A 72 12.90 3.64 -25.33
C SER A 72 13.15 2.57 -24.24
N HIS A 73 13.30 3.02 -22.99
CA HIS A 73 13.50 2.11 -21.87
C HIS A 73 12.16 1.43 -21.57
N SER A 74 12.16 0.11 -21.55
CA SER A 74 10.94 -0.66 -21.34
C SER A 74 10.36 -0.62 -19.93
N THR A 75 9.05 -0.75 -19.84
CA THR A 75 8.34 -0.76 -18.55
C THR A 75 7.79 -2.16 -18.28
N ALA A 76 8.22 -3.12 -19.07
CA ALA A 76 7.72 -4.49 -18.95
C ALA A 76 8.07 -5.28 -17.69
N GLU A 77 9.23 -5.02 -17.10
CA GLU A 77 9.64 -5.78 -15.92
C GLU A 77 8.98 -5.33 -14.62
N THR A 78 8.15 -4.29 -14.67
CA THR A 78 7.49 -3.84 -13.46
C THR A 78 5.99 -4.14 -13.44
N THR A 79 5.57 -5.04 -14.32
CA THR A 79 4.17 -5.45 -14.34
C THR A 79 4.01 -6.41 -13.16
N LEU A 80 2.79 -6.60 -12.67
CA LEU A 80 2.59 -7.50 -11.55
C LEU A 80 3.11 -8.92 -11.82
N ASP A 81 2.86 -9.47 -13.00
CA ASP A 81 3.33 -10.83 -13.29
C ASP A 81 4.87 -10.88 -13.30
N SER A 82 5.52 -9.83 -13.79
CA SER A 82 6.98 -9.83 -13.80
C SER A 82 7.55 -9.84 -12.39
N PHE A 83 6.94 -9.03 -11.53
CA PHE A 83 7.36 -8.90 -10.14
C PHE A 83 7.07 -10.14 -9.30
N PHE A 84 5.91 -10.76 -9.50
CA PHE A 84 5.49 -11.91 -8.70
C PHE A 84 5.69 -13.31 -9.26
N SER A 85 5.83 -13.44 -10.57
CA SER A 85 5.94 -14.78 -11.14
C SER A 85 7.35 -15.34 -11.09
N ARG A 86 7.88 -15.40 -9.88
CA ARG A 86 9.21 -15.90 -9.60
C ARG A 86 8.98 -16.75 -8.37
N ALA A 87 9.30 -18.03 -8.46
CA ALA A 87 9.08 -18.96 -7.35
C ALA A 87 9.95 -18.70 -6.11
N GLY A 88 9.31 -18.67 -4.95
CA GLY A 88 10.03 -18.46 -3.70
C GLY A 88 9.56 -19.43 -2.63
N LEU A 89 10.39 -19.65 -1.61
CA LEU A 89 10.03 -20.59 -0.53
C LEU A 89 8.86 -20.06 0.30
N VAL A 90 7.82 -20.89 0.49
CA VAL A 90 6.66 -20.47 1.30
C VAL A 90 6.28 -21.48 2.37
N GLY A 91 6.92 -22.63 2.36
CA GLY A 91 6.63 -23.65 3.35
C GLY A 91 7.71 -24.71 3.42
N GLU A 92 7.84 -25.34 4.57
CA GLU A 92 8.83 -26.39 4.77
C GLU A 92 8.21 -27.45 5.66
N ILE A 93 8.38 -28.71 5.28
CA ILE A 93 7.81 -29.81 6.06
C ILE A 93 8.88 -30.83 6.43
N ASP A 94 8.95 -31.19 7.71
CA ASP A 94 9.92 -32.16 8.18
C ASP A 94 9.27 -33.49 8.50
N LEU A 95 9.92 -34.56 8.06
CA LEU A 95 9.46 -35.91 8.33
C LEU A 95 10.66 -36.65 8.92
N PRO A 96 10.97 -36.39 10.20
CA PRO A 96 12.10 -37.04 10.86
C PRO A 96 11.81 -38.49 11.27
N LEU A 97 12.85 -39.19 11.69
CA LEU A 97 12.72 -40.59 12.11
C LEU A 97 12.32 -40.66 13.57
N LYS A 98 13.31 -40.39 14.43
CA LYS A 98 13.11 -40.37 15.87
C LYS A 98 13.14 -38.88 16.20
N GLY A 99 11.97 -38.28 16.32
CA GLY A 99 11.92 -36.87 16.63
C GLY A 99 10.79 -36.44 17.54
N THR A 100 10.72 -35.13 17.74
CA THR A 100 9.71 -34.50 18.58
C THR A 100 8.41 -34.24 17.84
N THR A 101 8.53 -33.65 16.66
CA THR A 101 7.38 -33.29 15.83
C THR A 101 6.63 -34.43 15.10
N ASN A 102 7.10 -34.81 13.91
CA ASN A 102 6.44 -35.85 13.11
C ASN A 102 7.18 -37.20 13.03
N PRO A 103 7.20 -37.95 14.15
CA PRO A 103 7.88 -39.26 14.17
C PRO A 103 6.98 -40.39 13.69
N ASN A 104 5.93 -40.04 12.96
CA ASN A 104 4.97 -41.03 12.49
C ASN A 104 4.98 -41.22 10.98
N GLY A 105 5.90 -40.56 10.29
CA GLY A 105 6.00 -40.71 8.85
C GLY A 105 4.98 -39.99 7.98
N TYR A 106 4.32 -38.97 8.53
CA TYR A 106 3.36 -38.18 7.77
C TYR A 106 3.30 -36.80 8.40
N ALA A 107 2.73 -35.83 7.69
CA ALA A 107 2.64 -34.48 8.21
C ALA A 107 1.58 -33.66 7.52
N ASN A 108 0.93 -32.77 8.27
CA ASN A 108 -0.11 -31.92 7.73
C ASN A 108 0.36 -30.48 7.77
N TRP A 109 0.40 -29.84 6.60
CA TRP A 109 0.84 -28.45 6.52
C TRP A 109 -0.36 -27.58 6.21
N ASP A 110 -0.57 -26.57 7.04
CA ASP A 110 -1.66 -25.64 6.84
C ASP A 110 -1.24 -24.70 5.72
N ILE A 111 -2.04 -24.63 4.65
CA ILE A 111 -1.69 -23.78 3.52
C ILE A 111 -1.80 -22.29 3.84
N ASP A 112 -0.67 -21.74 4.25
CA ASP A 112 -0.53 -20.34 4.62
C ASP A 112 0.92 -19.96 4.24
N ILE A 113 1.08 -19.01 3.33
CA ILE A 113 2.43 -18.65 2.92
C ILE A 113 3.11 -17.55 3.76
N THR A 114 2.46 -17.10 4.83
CA THR A 114 3.04 -16.01 5.62
C THR A 114 4.15 -16.36 6.61
N GLY A 115 4.72 -17.57 6.51
CA GLY A 115 5.78 -17.93 7.43
C GLY A 115 7.17 -17.56 6.99
N TYR A 116 7.29 -17.00 5.80
CA TYR A 116 8.59 -16.60 5.23
C TYR A 116 8.59 -15.14 4.82
N ALA A 117 9.52 -14.38 5.37
CA ALA A 117 9.59 -12.96 5.14
C ALA A 117 9.76 -12.42 3.72
N GLN A 118 10.63 -13.03 2.91
CA GLN A 118 10.83 -12.47 1.57
C GLN A 118 9.54 -12.39 0.78
N MET A 119 8.86 -13.53 0.66
CA MET A 119 7.62 -13.64 -0.07
C MET A 119 6.51 -12.80 0.56
N ARG A 120 6.35 -12.94 1.87
CA ARG A 120 5.31 -12.21 2.58
C ARG A 120 5.36 -10.70 2.39
N ARG A 121 6.55 -10.11 2.51
CA ARG A 121 6.66 -8.68 2.36
C ARG A 121 6.23 -8.23 0.97
N LYS A 122 6.52 -9.02 -0.05
CA LYS A 122 6.15 -8.69 -1.43
C LYS A 122 4.65 -8.67 -1.63
N VAL A 123 3.97 -9.73 -1.20
CA VAL A 123 2.53 -9.75 -1.40
C VAL A 123 1.80 -8.75 -0.53
N GLU A 124 2.35 -8.44 0.64
CA GLU A 124 1.67 -7.51 1.54
C GLU A 124 1.72 -6.06 1.10
N LEU A 125 2.25 -5.81 -0.09
CA LEU A 125 2.32 -4.47 -0.65
C LEU A 125 0.90 -4.13 -1.12
N PHE A 126 0.10 -5.16 -1.34
CA PHE A 126 -1.27 -5.00 -1.80
C PHE A 126 -2.24 -5.55 -0.78
N THR A 127 -3.47 -5.05 -0.81
CA THR A 127 -4.48 -5.50 0.13
C THR A 127 -5.21 -6.74 -0.40
N TYR A 128 -5.64 -6.66 -1.65
CA TYR A 128 -6.36 -7.75 -2.29
C TYR A 128 -5.58 -8.30 -3.47
N MET A 129 -5.54 -9.62 -3.60
CA MET A 129 -4.85 -10.24 -4.72
C MET A 129 -5.61 -11.45 -5.21
N ARG A 130 -5.63 -11.61 -6.52
CA ARG A 130 -6.33 -12.72 -7.16
C ARG A 130 -5.30 -13.29 -8.12
N PHE A 131 -5.07 -14.60 -8.06
CA PHE A 131 -4.07 -15.21 -8.91
C PHE A 131 -4.12 -16.73 -8.95
N ASP A 132 -3.50 -17.31 -9.97
CA ASP A 132 -3.37 -18.75 -10.08
C ASP A 132 -1.93 -18.96 -9.60
N ALA A 133 -1.50 -20.20 -9.45
CA ALA A 133 -0.15 -20.42 -8.98
C ALA A 133 0.44 -21.75 -9.39
N GLU A 134 1.75 -21.80 -9.44
CA GLU A 134 2.45 -23.02 -9.76
C GLU A 134 3.24 -23.39 -8.52
N PHE A 135 2.92 -24.55 -7.94
CA PHE A 135 3.63 -25.01 -6.76
C PHE A 135 4.62 -26.11 -7.11
N THR A 136 5.83 -26.00 -6.58
CA THR A 136 6.88 -26.97 -6.83
C THR A 136 7.32 -27.54 -5.49
N PHE A 137 7.50 -28.86 -5.45
CA PHE A 137 7.91 -29.56 -4.22
C PHE A 137 9.28 -30.20 -4.33
N VAL A 138 10.22 -29.69 -3.55
CA VAL A 138 11.60 -30.19 -3.56
C VAL A 138 11.84 -31.02 -2.30
N ALA A 139 12.10 -32.30 -2.49
CA ALA A 139 12.33 -33.20 -1.37
C ALA A 139 13.73 -33.81 -1.36
N CYS A 140 14.27 -33.97 -0.16
CA CYS A 140 15.58 -34.56 0.04
C CYS A 140 15.80 -34.80 1.53
N THR A 141 16.92 -35.39 1.89
CA THR A 141 17.20 -35.63 3.30
C THR A 141 17.80 -34.34 3.85
N PRO A 142 17.98 -34.26 5.18
CA PRO A 142 18.52 -33.04 5.77
C PRO A 142 19.91 -32.63 5.30
N THR A 143 20.65 -33.55 4.69
CA THR A 143 21.98 -33.23 4.18
C THR A 143 21.94 -32.88 2.70
N GLY A 144 20.74 -32.94 2.12
CA GLY A 144 20.59 -32.63 0.71
C GLY A 144 20.73 -33.88 -0.15
N GLU A 145 20.70 -35.04 0.49
CA GLU A 145 20.84 -36.30 -0.21
C GLU A 145 19.55 -36.75 -0.87
N VAL A 146 19.69 -37.54 -1.92
CA VAL A 146 18.56 -38.07 -2.63
C VAL A 146 18.54 -39.57 -2.37
N VAL A 147 17.41 -40.07 -1.90
CA VAL A 147 17.29 -41.49 -1.60
C VAL A 147 16.09 -42.07 -2.33
N PRO A 148 16.10 -43.38 -2.59
CA PRO A 148 15.02 -44.09 -3.30
C PRO A 148 13.79 -44.29 -2.42
N GLN A 149 13.05 -43.21 -2.21
CA GLN A 149 11.87 -43.22 -1.36
C GLN A 149 10.66 -42.66 -2.11
N LEU A 150 9.51 -43.30 -1.93
CA LEU A 150 8.27 -42.87 -2.59
C LEU A 150 7.40 -42.08 -1.62
N LEU A 151 6.91 -40.92 -2.06
CA LEU A 151 6.06 -40.08 -1.24
C LEU A 151 4.69 -39.87 -1.85
N GLN A 152 3.73 -39.45 -1.03
CA GLN A 152 2.41 -39.13 -1.52
C GLN A 152 2.05 -37.75 -0.95
N TYR A 153 1.67 -36.83 -1.83
CA TYR A 153 1.25 -35.51 -1.41
C TYR A 153 -0.24 -35.45 -1.69
N MET A 154 -1.03 -34.95 -0.74
CA MET A 154 -2.47 -34.87 -0.97
C MET A 154 -3.01 -33.51 -0.55
N PHE A 155 -3.87 -32.94 -1.38
CA PHE A 155 -4.47 -31.66 -1.05
C PHE A 155 -5.79 -31.97 -0.37
N VAL A 156 -5.94 -31.50 0.86
CA VAL A 156 -7.15 -31.74 1.63
C VAL A 156 -7.89 -30.43 1.85
N PRO A 157 -8.92 -30.17 1.03
CA PRO A 157 -9.71 -28.94 1.15
C PRO A 157 -10.48 -28.92 2.47
N PRO A 158 -10.90 -27.74 2.91
CA PRO A 158 -11.64 -27.61 4.17
C PRO A 158 -12.87 -28.50 4.16
N GLY A 159 -12.96 -29.38 5.15
CA GLY A 159 -14.11 -30.25 5.22
C GLY A 159 -13.78 -31.69 4.88
N ALA A 160 -12.65 -31.91 4.22
CA ALA A 160 -12.25 -33.26 3.89
C ALA A 160 -11.49 -33.78 5.10
N PRO A 161 -11.55 -35.09 5.36
CA PRO A 161 -10.85 -35.67 6.50
C PRO A 161 -9.33 -35.59 6.39
N LYS A 162 -8.68 -35.01 7.41
CA LYS A 162 -7.22 -34.89 7.43
C LYS A 162 -6.62 -36.21 7.91
N PRO A 163 -5.59 -36.70 7.20
CA PRO A 163 -5.03 -37.97 7.68
C PRO A 163 -4.45 -37.79 9.08
N ASP A 164 -4.61 -38.80 9.91
CA ASP A 164 -4.11 -38.78 11.29
C ASP A 164 -2.98 -39.78 11.49
N SER A 165 -2.51 -40.37 10.40
CA SER A 165 -1.42 -41.33 10.47
C SER A 165 -0.97 -41.72 9.08
N ARG A 166 0.15 -42.41 9.01
CA ARG A 166 0.70 -42.84 7.75
C ARG A 166 -0.24 -43.84 7.08
N GLU A 167 -1.09 -44.49 7.87
CA GLU A 167 -2.01 -45.49 7.33
C GLU A 167 -3.47 -45.08 7.30
N SER A 168 -3.75 -43.78 7.49
CA SER A 168 -5.13 -43.29 7.48
C SER A 168 -5.89 -43.69 6.22
N LEU A 169 -7.18 -43.99 6.37
CA LEU A 169 -8.02 -44.37 5.23
C LEU A 169 -8.14 -43.22 4.22
N ALA A 170 -7.92 -42.00 4.69
CA ALA A 170 -8.02 -40.83 3.83
C ALA A 170 -7.05 -40.83 2.66
N TRP A 171 -5.98 -41.62 2.73
CA TRP A 171 -5.00 -41.66 1.64
C TRP A 171 -5.53 -42.42 0.42
N GLN A 172 -6.74 -42.98 0.52
CA GLN A 172 -7.35 -43.69 -0.60
C GLN A 172 -7.52 -42.66 -1.71
N THR A 173 -7.60 -41.39 -1.29
CA THR A 173 -7.70 -40.23 -2.16
C THR A 173 -8.61 -40.35 -3.39
N ALA A 174 -9.81 -40.89 -3.19
CA ALA A 174 -10.75 -41.07 -4.29
C ALA A 174 -11.28 -39.80 -4.95
N THR A 175 -11.18 -38.67 -4.24
CA THR A 175 -11.66 -37.39 -4.80
C THR A 175 -10.64 -36.26 -4.66
N ASN A 176 -9.90 -36.23 -3.56
CA ASN A 176 -8.88 -35.20 -3.36
C ASN A 176 -7.78 -35.42 -4.37
N PRO A 177 -7.08 -34.36 -4.76
CA PRO A 177 -6.01 -34.62 -5.72
C PRO A 177 -4.75 -35.03 -4.96
N SER A 178 -4.06 -36.07 -5.42
CA SER A 178 -2.83 -36.53 -4.79
C SER A 178 -1.74 -36.63 -5.85
N VAL A 179 -0.49 -36.56 -5.40
CA VAL A 179 0.65 -36.71 -6.30
C VAL A 179 1.56 -37.77 -5.69
N PHE A 180 1.94 -38.76 -6.50
CA PHE A 180 2.84 -39.79 -6.04
C PHE A 180 4.14 -39.55 -6.79
N VAL A 181 5.23 -39.38 -6.05
CA VAL A 181 6.50 -39.12 -6.69
C VAL A 181 7.67 -39.64 -5.85
N LYS A 182 8.79 -39.98 -6.50
CA LYS A 182 9.99 -40.47 -5.81
C LYS A 182 10.92 -39.28 -5.52
N LEU A 183 11.74 -39.38 -4.48
CA LEU A 183 12.68 -38.32 -4.17
C LEU A 183 13.69 -38.20 -5.28
N SER A 184 13.90 -39.29 -6.00
CA SER A 184 14.85 -39.33 -7.08
C SER A 184 14.32 -38.69 -8.37
N ASP A 185 13.00 -38.55 -8.47
CA ASP A 185 12.39 -37.91 -9.64
C ASP A 185 12.63 -36.41 -9.52
N PRO A 186 12.41 -35.63 -10.59
CA PRO A 186 12.62 -34.18 -10.47
C PRO A 186 11.54 -33.66 -9.51
N PRO A 187 11.65 -32.41 -9.06
CA PRO A 187 10.64 -31.87 -8.16
C PRO A 187 9.23 -31.97 -8.74
N ALA A 188 8.26 -32.41 -7.95
CA ALA A 188 6.88 -32.49 -8.42
C ALA A 188 6.41 -31.06 -8.67
N GLN A 189 5.51 -30.86 -9.62
CA GLN A 189 5.05 -29.50 -9.94
C GLN A 189 3.63 -29.48 -10.48
N VAL A 190 2.78 -28.61 -9.96
CA VAL A 190 1.40 -28.55 -10.42
C VAL A 190 0.86 -27.14 -10.49
N SER A 191 -0.26 -26.98 -11.19
CA SER A 191 -0.93 -25.69 -11.31
C SER A 191 -2.14 -25.67 -10.39
N VAL A 192 -2.31 -24.57 -9.70
CA VAL A 192 -3.39 -24.38 -8.76
C VAL A 192 -4.19 -23.16 -9.20
N PRO A 193 -5.52 -23.28 -9.23
CA PRO A 193 -6.40 -22.16 -9.64
C PRO A 193 -6.68 -21.21 -8.47
N PHE A 194 -7.44 -20.16 -8.75
CA PHE A 194 -7.82 -19.21 -7.70
C PHE A 194 -9.02 -19.85 -7.00
N MET A 195 -8.83 -20.28 -5.75
CA MET A 195 -9.88 -21.02 -5.05
C MET A 195 -10.73 -20.35 -3.98
N SER A 196 -10.54 -19.07 -3.73
CA SER A 196 -11.33 -18.43 -2.70
C SER A 196 -12.81 -18.26 -3.00
N PRO A 197 -13.64 -18.20 -1.94
CA PRO A 197 -15.08 -18.02 -2.10
C PRO A 197 -15.29 -16.54 -2.46
N ALA A 198 -14.28 -15.72 -2.17
CA ALA A 198 -14.33 -14.29 -2.45
C ALA A 198 -13.72 -14.01 -3.83
N SER A 199 -13.87 -12.79 -4.34
CA SER A 199 -13.30 -12.46 -5.64
C SER A 199 -11.78 -12.34 -5.57
N ALA A 200 -11.26 -12.23 -4.35
CA ALA A 200 -9.81 -12.10 -4.17
C ALA A 200 -9.41 -12.50 -2.77
N TYR A 201 -8.15 -12.90 -2.61
CA TYR A 201 -7.62 -13.23 -1.30
C TYR A 201 -7.31 -11.85 -0.74
N GLN A 202 -7.16 -11.74 0.57
CA GLN A 202 -6.77 -10.47 1.15
C GLN A 202 -5.79 -10.74 2.29
N TRP A 203 -4.65 -10.06 2.23
CA TRP A 203 -3.60 -10.23 3.23
C TRP A 203 -3.94 -9.53 4.53
N PHE A 204 -4.99 -8.72 4.52
CA PHE A 204 -5.42 -7.99 5.70
C PHE A 204 -6.93 -8.00 5.78
N TYR A 205 -7.45 -8.36 6.94
CA TYR A 205 -8.88 -8.41 7.17
C TYR A 205 -9.16 -7.75 8.51
N ASP A 206 -9.58 -6.49 8.49
CA ASP A 206 -9.86 -5.78 9.73
C ASP A 206 -11.26 -6.13 10.25
N GLY A 207 -11.36 -7.27 10.92
CA GLY A 207 -12.65 -7.67 11.45
C GLY A 207 -12.61 -9.04 12.10
N TYR A 208 -13.79 -9.56 12.41
CA TYR A 208 -13.92 -10.85 13.04
C TYR A 208 -14.66 -11.79 12.10
N PRO A 209 -14.44 -13.10 12.22
CA PRO A 209 -15.14 -14.03 11.33
C PRO A 209 -16.57 -14.36 11.74
N THR A 210 -16.91 -14.15 13.00
CA THR A 210 -18.27 -14.48 13.47
C THR A 210 -18.87 -13.39 14.34
N PHE A 211 -20.17 -13.51 14.59
CA PHE A 211 -20.87 -12.54 15.43
C PHE A 211 -20.70 -12.94 16.90
N GLY A 212 -21.19 -12.10 17.80
CA GLY A 212 -21.10 -12.40 19.22
C GLY A 212 -20.19 -11.49 20.03
N GLU A 213 -19.94 -11.85 21.29
CA GLU A 213 -19.07 -11.05 22.13
C GLU A 213 -17.66 -11.39 21.76
N HIS A 214 -16.83 -10.37 21.65
CA HIS A 214 -15.45 -10.62 21.27
C HIS A 214 -14.57 -10.42 22.48
N LYS A 215 -14.70 -11.38 23.39
CA LYS A 215 -13.98 -11.41 24.65
C LYS A 215 -12.53 -11.86 24.48
N GLN A 216 -11.73 -11.63 25.52
CA GLN A 216 -10.32 -11.99 25.59
C GLN A 216 -9.92 -13.30 24.91
N GLU A 217 -10.51 -14.42 25.34
CA GLU A 217 -10.18 -15.72 24.77
C GLU A 217 -10.47 -15.91 23.29
N LYS A 218 -11.25 -15.01 22.69
CA LYS A 218 -11.55 -15.12 21.27
C LYS A 218 -10.76 -14.13 20.42
N ASP A 219 -10.01 -13.23 21.06
CA ASP A 219 -9.22 -12.24 20.31
C ASP A 219 -8.18 -12.85 19.39
N LEU A 220 -7.98 -14.16 19.47
CA LEU A 220 -7.01 -14.79 18.59
C LEU A 220 -7.61 -14.85 17.19
N GLU A 221 -8.92 -14.70 17.09
CA GLU A 221 -9.56 -14.75 15.78
C GLU A 221 -9.77 -13.39 15.11
N TYR A 222 -9.22 -12.33 15.69
CA TYR A 222 -9.32 -11.02 15.07
C TYR A 222 -8.38 -11.05 13.86
N GLY A 223 -8.92 -10.67 12.70
CA GLY A 223 -8.12 -10.66 11.49
C GLY A 223 -8.15 -11.96 10.72
N ALA A 224 -8.85 -12.97 11.23
CA ALA A 224 -8.93 -14.25 10.56
C ALA A 224 -10.10 -14.30 9.59
N CYS A 225 -9.80 -14.48 8.31
CA CYS A 225 -10.85 -14.55 7.31
C CYS A 225 -10.79 -15.88 6.59
N PRO A 226 -11.82 -16.72 6.74
CA PRO A 226 -11.87 -18.04 6.10
C PRO A 226 -11.67 -18.01 4.59
N ASN A 227 -11.94 -16.88 3.96
CA ASN A 227 -11.78 -16.78 2.52
C ASN A 227 -10.33 -16.96 2.12
N ASN A 228 -9.42 -16.91 3.10
CA ASN A 228 -7.98 -17.07 2.85
C ASN A 228 -7.48 -18.47 3.21
N MET A 229 -8.32 -19.25 3.88
CA MET A 229 -7.92 -20.57 4.32
C MET A 229 -8.31 -21.63 3.31
N MET A 230 -7.37 -21.98 2.44
CA MET A 230 -7.62 -22.94 1.38
C MET A 230 -7.53 -24.41 1.73
N GLY A 231 -7.07 -24.72 2.95
CA GLY A 231 -7.00 -26.12 3.34
C GLY A 231 -5.66 -26.63 3.84
N THR A 232 -5.50 -27.94 3.75
CA THR A 232 -4.29 -28.60 4.23
C THR A 232 -3.56 -29.36 3.12
N PHE A 233 -2.24 -29.38 3.23
CA PHE A 233 -1.39 -30.10 2.29
C PHE A 233 -0.79 -31.22 3.14
N SER A 234 -1.12 -32.47 2.83
CA SER A 234 -0.60 -33.59 3.62
C SER A 234 0.40 -34.41 2.86
N VAL A 235 1.42 -34.88 3.56
CA VAL A 235 2.44 -35.70 2.94
C VAL A 235 2.76 -36.90 3.82
N ARG A 236 3.07 -38.02 3.18
CA ARG A 236 3.43 -39.25 3.90
C ARG A 236 4.39 -40.09 3.08
N THR A 237 5.17 -40.94 3.74
CA THR A 237 6.04 -41.85 3.02
C THR A 237 5.02 -42.95 2.73
N VAL A 238 5.02 -43.51 1.53
CA VAL A 238 4.04 -44.53 1.17
C VAL A 238 4.39 -45.92 1.65
N GLY A 239 3.91 -46.28 2.83
CA GLY A 239 4.19 -47.60 3.35
C GLY A 239 3.55 -47.85 4.69
N THR A 240 3.55 -49.11 5.11
CA THR A 240 2.96 -49.48 6.38
C THR A 240 4.00 -49.57 7.49
N SER A 241 5.28 -49.47 7.11
CA SER A 241 6.39 -49.52 8.06
C SER A 241 7.13 -48.19 8.01
N LYS A 242 7.78 -47.82 9.11
CA LYS A 242 8.50 -46.54 9.14
C LYS A 242 9.59 -46.51 8.07
N SER A 243 9.75 -45.34 7.46
CA SER A 243 10.76 -45.11 6.43
C SER A 243 12.14 -45.21 7.07
N LYS A 244 13.14 -45.53 6.26
CA LYS A 244 14.50 -45.65 6.74
C LYS A 244 15.23 -44.31 6.78
N TYR A 245 14.70 -43.30 6.09
CA TYR A 245 15.34 -42.00 6.05
C TYR A 245 14.50 -40.81 6.46
N PRO A 246 15.14 -39.79 7.04
CA PRO A 246 14.48 -38.55 7.48
C PRO A 246 14.38 -37.66 6.23
N LEU A 247 13.22 -37.04 6.05
CA LEU A 247 13.00 -36.21 4.87
C LEU A 247 12.61 -34.78 5.16
N VAL A 248 12.84 -33.93 4.17
CA VAL A 248 12.47 -32.53 4.24
C VAL A 248 11.83 -32.17 2.90
N VAL A 249 10.71 -31.48 2.96
CA VAL A 249 10.02 -31.07 1.74
C VAL A 249 9.94 -29.56 1.73
N ARG A 250 10.53 -28.92 0.73
CA ARG A 250 10.46 -27.47 0.62
C ARG A 250 9.39 -27.15 -0.42
N ILE A 251 8.55 -26.17 -0.10
CA ILE A 251 7.45 -25.78 -0.97
C ILE A 251 7.67 -24.41 -1.58
N TYR A 252 7.70 -24.37 -2.91
CA TYR A 252 7.90 -23.12 -3.64
C TYR A 252 6.64 -22.71 -4.37
N MET A 253 6.34 -21.42 -4.33
CA MET A 253 5.16 -20.88 -4.99
C MET A 253 5.51 -19.83 -6.03
N ARG A 254 4.93 -19.99 -7.21
CA ARG A 254 5.14 -19.04 -8.29
C ARG A 254 3.77 -18.57 -8.76
N MET A 255 3.42 -17.34 -8.43
CA MET A 255 2.13 -16.81 -8.85
C MET A 255 2.14 -16.51 -10.34
N LYS A 256 0.95 -16.58 -10.95
CA LYS A 256 0.80 -16.28 -12.37
C LYS A 256 -0.63 -15.82 -12.63
N HIS A 257 -0.82 -14.95 -13.61
CA HIS A 257 -2.15 -14.41 -13.92
C HIS A 257 -2.60 -13.61 -12.71
N VAL A 258 -1.76 -12.66 -12.31
CA VAL A 258 -2.00 -11.84 -11.13
C VAL A 258 -2.73 -10.53 -11.32
N ARG A 259 -3.62 -10.23 -10.36
CA ARG A 259 -4.35 -8.95 -10.32
C ARG A 259 -4.27 -8.51 -8.86
N ALA A 260 -4.04 -7.22 -8.64
CA ALA A 260 -3.94 -6.72 -7.28
C ALA A 260 -4.61 -5.37 -7.11
N TRP A 261 -5.13 -5.11 -5.90
CA TRP A 261 -5.81 -3.86 -5.62
C TRP A 261 -5.41 -3.26 -4.27
N ILE A 262 -5.49 -1.92 -4.20
CA ILE A 262 -5.21 -1.17 -2.98
C ILE A 262 -3.80 -1.35 -2.43
N PRO A 263 -2.83 -0.58 -2.93
CA PRO A 263 -1.46 -0.71 -2.43
C PRO A 263 -1.36 -0.12 -1.02
N ARG A 264 -0.40 -0.59 -0.23
CA ARG A 264 -0.23 -0.08 1.13
C ARG A 264 1.22 0.07 1.52
N PRO A 265 1.49 0.73 2.66
CA PRO A 265 2.88 0.91 3.11
C PRO A 265 3.54 -0.45 3.26
N MET A 266 4.84 -0.53 2.95
CA MET A 266 5.54 -1.80 3.08
C MET A 266 6.13 -2.02 4.46
N ARG A 267 6.00 -3.25 4.94
CA ARG A 267 6.48 -3.68 6.25
C ARG A 267 7.88 -3.12 6.55
N ASN A 268 8.04 -2.48 7.70
CA ASN A 268 9.35 -1.94 8.07
C ASN A 268 9.88 -2.44 9.42
N GLN A 269 9.15 -3.37 10.05
CA GLN A 269 9.54 -3.97 11.32
C GLN A 269 9.56 -5.48 11.11
N ASN A 270 10.43 -6.21 11.80
CA ASN A 270 10.46 -7.65 11.62
C ASN A 270 9.13 -8.33 11.89
N TYR A 271 8.86 -9.39 11.17
CA TYR A 271 7.65 -10.18 11.35
C TYR A 271 7.87 -11.09 12.56
N LEU A 272 6.82 -11.35 13.33
CA LEU A 272 6.93 -12.22 14.49
C LEU A 272 6.03 -13.45 14.35
N PHE A 273 4.80 -13.23 13.91
CA PHE A 273 3.83 -14.31 13.75
C PHE A 273 3.18 -14.30 12.37
N LYS A 274 2.65 -15.44 11.94
CA LYS A 274 2.01 -15.54 10.64
C LYS A 274 0.66 -14.82 10.59
N ALA A 275 -0.13 -15.03 11.63
CA ALA A 275 -1.47 -14.51 11.70
C ALA A 275 -1.66 -13.03 11.95
N ASN A 276 -0.60 -12.29 12.22
CA ASN A 276 -0.84 -10.88 12.51
C ASN A 276 0.34 -9.98 12.24
N PRO A 277 0.10 -8.67 12.32
CA PRO A 277 1.18 -7.70 12.09
C PRO A 277 1.93 -7.29 13.36
N ASN A 278 1.84 -8.10 14.42
CA ASN A 278 2.54 -7.79 15.67
C ASN A 278 4.02 -7.48 15.44
N TYR A 279 4.53 -6.50 16.15
CA TYR A 279 5.94 -6.10 16.05
C TYR A 279 6.48 -6.05 17.47
N ALA A 280 7.81 -6.16 17.63
CA ALA A 280 8.39 -6.09 18.96
C ALA A 280 8.45 -4.64 19.44
N GLY A 281 7.61 -4.30 20.41
CA GLY A 281 7.55 -2.94 20.93
C GLY A 281 8.83 -2.33 21.47
N ASN A 282 9.74 -3.14 22.00
CA ASN A 282 10.98 -2.63 22.55
C ASN A 282 12.07 -2.49 21.51
N SER A 283 11.78 -2.89 20.28
CA SER A 283 12.77 -2.80 19.22
C SER A 283 12.25 -2.11 17.99
N ILE A 284 11.44 -1.06 18.17
CA ILE A 284 10.92 -0.34 17.02
C ILE A 284 12.11 0.38 16.41
N LYS A 285 12.50 -0.02 15.20
CA LYS A 285 13.64 0.61 14.55
C LYS A 285 13.21 1.55 13.43
N PRO A 286 14.05 2.53 13.08
CA PRO A 286 13.70 3.46 12.00
C PRO A 286 13.62 2.63 10.73
N THR A 287 12.97 3.15 9.70
CA THR A 287 12.87 2.39 8.46
C THR A 287 14.22 2.18 7.79
N GLY A 288 15.14 3.14 7.94
CA GLY A 288 16.46 3.02 7.32
C GLY A 288 17.66 3.50 8.11
N ALA A 289 18.82 3.58 7.44
CA ALA A 289 20.06 4.02 8.06
C ALA A 289 19.87 5.45 8.62
N SER A 290 20.70 5.84 9.58
CA SER A 290 20.63 7.18 10.19
C SER A 290 22.01 7.83 10.15
N ARG A 291 22.08 9.12 10.46
CA ARG A 291 23.37 9.84 10.48
C ARG A 291 23.41 10.75 11.70
N THR A 292 24.57 11.34 11.97
CA THR A 292 24.69 12.17 13.16
C THR A 292 24.09 13.56 13.04
N ALA A 293 24.10 14.13 11.84
CA ALA A 293 23.52 15.46 11.70
C ALA A 293 22.89 15.66 10.34
N ILE A 294 21.91 16.55 10.30
CA ILE A 294 21.18 16.84 9.08
C ILE A 294 21.99 17.67 8.09
N THR A 295 23.12 18.20 8.54
CA THR A 295 23.95 19.03 7.67
C THR A 295 25.26 18.36 7.24
N THR A 296 25.35 17.05 7.44
CA THR A 296 26.54 16.29 7.08
C THR A 296 26.15 14.98 6.45
N LEU A 297 27.01 14.46 5.59
CA LEU A 297 26.72 13.18 4.98
C LEU A 297 27.14 12.08 5.94
N SER B 10 -12.12 29.82 -5.15
CA SER B 10 -12.91 29.09 -6.20
C SER B 10 -12.49 27.63 -6.19
N ASP B 11 -11.68 27.28 -5.21
CA ASP B 11 -11.16 25.93 -5.05
C ASP B 11 -10.90 25.84 -3.54
N ARG B 12 -10.91 27.03 -2.92
CA ARG B 12 -10.68 27.21 -1.50
C ARG B 12 -12.02 27.29 -0.80
N VAL B 13 -13.05 27.61 -1.57
CA VAL B 13 -14.40 27.72 -1.04
C VAL B 13 -15.23 26.52 -1.46
N ALA B 14 -16.11 26.04 -0.59
CA ALA B 14 -16.92 24.87 -0.94
C ALA B 14 -18.17 24.64 -0.11
N GLN B 15 -19.12 23.94 -0.71
CA GLN B 15 -20.37 23.59 -0.03
C GLN B 15 -20.71 22.12 -0.31
N LEU B 16 -20.95 21.35 0.74
CA LEU B 16 -21.29 19.95 0.58
C LEU B 16 -22.69 19.81 1.14
N THR B 17 -23.63 19.44 0.28
CA THR B 17 -25.01 19.26 0.70
C THR B 17 -25.47 17.86 0.36
N ILE B 18 -25.97 17.15 1.36
CA ILE B 18 -26.47 15.81 1.15
C ILE B 18 -27.49 15.53 2.24
N GLY B 19 -28.67 15.03 1.84
CA GLY B 19 -29.72 14.79 2.82
C GLY B 19 -30.21 16.13 3.34
N ASN B 20 -30.40 16.25 4.66
CA ASN B 20 -30.85 17.51 5.23
C ASN B 20 -29.68 18.26 5.86
N SER B 21 -28.46 17.97 5.40
CA SER B 21 -27.28 18.58 5.97
C SER B 21 -26.38 19.29 4.96
N THR B 22 -25.87 20.45 5.35
CA THR B 22 -24.97 21.23 4.50
C THR B 22 -23.72 21.68 5.26
N ILE B 23 -22.56 21.51 4.61
CA ILE B 23 -21.29 21.92 5.18
C ILE B 23 -20.71 23.03 4.33
N THR B 24 -20.08 24.02 4.95
CA THR B 24 -19.45 25.09 4.19
C THR B 24 -18.01 25.23 4.67
N THR B 25 -17.13 25.70 3.80
CA THR B 25 -15.75 25.94 4.18
C THR B 25 -15.22 27.04 3.28
N GLN B 26 -14.41 27.92 3.85
CA GLN B 26 -13.85 29.02 3.08
C GLN B 26 -12.35 28.89 2.93
N GLU B 27 -11.81 27.74 3.37
CA GLU B 27 -10.38 27.46 3.26
C GLU B 27 -10.15 25.97 3.02
N ALA B 28 -10.62 25.52 1.86
CA ALA B 28 -10.50 24.13 1.46
C ALA B 28 -9.28 23.94 0.57
N ALA B 29 -8.97 22.70 0.26
CA ALA B 29 -7.85 22.40 -0.61
C ALA B 29 -8.33 21.35 -1.60
N ASN B 30 -9.42 21.67 -2.27
CA ASN B 30 -10.01 20.77 -3.24
C ASN B 30 -10.63 19.56 -2.53
N ILE B 31 -10.98 18.53 -3.30
CA ILE B 31 -11.59 17.32 -2.77
C ILE B 31 -10.95 16.10 -3.41
N ILE B 32 -10.64 15.09 -2.61
CA ILE B 32 -10.03 13.87 -3.11
C ILE B 32 -11.10 12.81 -3.30
N VAL B 33 -11.09 12.15 -4.47
CA VAL B 33 -12.05 11.08 -4.74
C VAL B 33 -11.18 9.84 -4.77
N GLY B 34 -11.18 9.11 -3.65
CA GLY B 34 -10.36 7.93 -3.50
C GLY B 34 -10.28 6.94 -4.64
N TYR B 35 -9.05 6.61 -5.04
CA TYR B 35 -8.81 5.67 -6.11
C TYR B 35 -9.51 6.07 -7.39
N GLY B 36 -9.79 7.36 -7.48
CA GLY B 36 -10.42 7.91 -8.66
C GLY B 36 -11.82 7.46 -9.00
N GLU B 37 -12.59 6.96 -8.04
CA GLU B 37 -13.95 6.59 -8.41
C GLU B 37 -15.02 6.86 -7.38
N TRP B 38 -16.16 7.33 -7.87
CA TRP B 38 -17.30 7.67 -7.04
C TRP B 38 -18.06 6.45 -6.54
N PRO B 39 -18.70 6.59 -5.39
CA PRO B 39 -19.48 5.51 -4.80
C PRO B 39 -20.60 5.20 -5.79
N SER B 40 -21.02 3.94 -5.86
CA SER B 40 -22.10 3.56 -6.74
C SER B 40 -22.82 2.38 -6.09
N TYR B 41 -24.02 2.05 -6.57
CA TYR B 41 -24.74 0.93 -6.00
C TYR B 41 -24.21 -0.35 -6.63
N CYS B 42 -24.47 -1.49 -5.99
CA CYS B 42 -23.99 -2.75 -6.50
C CYS B 42 -24.78 -3.20 -7.73
N SER B 43 -24.07 -3.52 -8.81
CA SER B 43 -24.71 -3.95 -10.05
C SER B 43 -25.35 -5.34 -9.94
N ASP B 44 -26.26 -5.64 -10.86
CA ASP B 44 -26.93 -6.94 -10.86
C ASP B 44 -26.01 -8.11 -11.17
N SER B 45 -24.83 -7.85 -11.73
CA SER B 45 -23.93 -8.95 -12.05
C SER B 45 -22.88 -9.17 -10.98
N ASP B 46 -22.60 -8.12 -10.20
CA ASP B 46 -21.64 -8.23 -9.09
C ASP B 46 -22.35 -8.81 -7.87
N ALA B 47 -23.64 -8.50 -7.73
CA ALA B 47 -24.43 -8.98 -6.60
C ALA B 47 -24.55 -10.50 -6.57
N THR B 48 -24.89 -11.03 -5.40
CA THR B 48 -25.07 -12.47 -5.30
C THR B 48 -26.30 -12.79 -4.45
N ALA B 49 -26.52 -12.03 -3.37
CA ALA B 49 -27.69 -12.23 -2.51
C ALA B 49 -28.93 -11.90 -3.35
N VAL B 50 -29.97 -12.71 -3.21
CA VAL B 50 -31.19 -12.54 -4.01
C VAL B 50 -32.32 -11.64 -3.51
N ASP B 51 -32.32 -11.29 -2.24
CA ASP B 51 -33.42 -10.45 -1.76
C ASP B 51 -33.30 -9.01 -2.27
N LYS B 52 -34.45 -8.35 -2.47
CA LYS B 52 -34.42 -6.96 -2.93
C LYS B 52 -33.89 -6.12 -1.77
N PRO B 53 -32.84 -5.32 -2.00
CA PRO B 53 -32.28 -4.48 -0.94
C PRO B 53 -33.16 -3.29 -0.60
N THR B 54 -32.84 -2.65 0.53
CA THR B 54 -33.55 -1.44 0.93
C THR B 54 -32.48 -0.36 0.75
N ARG B 55 -32.87 0.76 0.16
CA ARG B 55 -31.94 1.86 -0.07
C ARG B 55 -32.66 3.09 0.48
N PRO B 56 -32.59 3.30 1.81
CA PRO B 56 -33.20 4.38 2.58
C PRO B 56 -32.96 5.81 2.07
N ASP B 57 -31.91 6.00 1.28
CA ASP B 57 -31.62 7.31 0.71
C ASP B 57 -31.35 8.44 1.75
N VAL B 58 -32.09 9.54 1.66
CA VAL B 58 -31.87 10.70 2.54
C VAL B 58 -31.83 10.53 4.06
N SER B 59 -32.49 9.50 4.59
CA SER B 59 -32.49 9.32 6.03
C SER B 59 -31.18 8.73 6.55
N VAL B 60 -30.37 8.14 5.67
CA VAL B 60 -29.10 7.57 6.10
C VAL B 60 -27.89 8.18 5.39
N ASN B 61 -28.09 8.70 4.18
CA ASN B 61 -26.98 9.33 3.46
C ASN B 61 -27.03 10.83 3.75
N ARG B 62 -26.41 11.20 4.86
CA ARG B 62 -26.38 12.59 5.33
C ARG B 62 -25.15 12.74 6.21
N PHE B 63 -24.83 13.97 6.59
CA PHE B 63 -23.66 14.19 7.43
C PHE B 63 -23.93 13.99 8.91
N TYR B 64 -23.06 13.22 9.56
CA TYR B 64 -23.15 12.95 10.98
C TYR B 64 -21.86 13.48 11.60
N THR B 65 -21.98 14.33 12.61
CA THR B 65 -20.80 14.87 13.30
C THR B 65 -20.66 14.04 14.57
N LEU B 66 -19.70 13.13 14.55
CA LEU B 66 -19.48 12.19 15.62
C LEU B 66 -18.50 12.43 16.74
N ASP B 67 -17.47 13.23 16.54
CA ASP B 67 -16.50 13.35 17.61
C ASP B 67 -15.59 14.55 17.44
N THR B 68 -15.03 15.01 18.56
CA THR B 68 -14.10 16.13 18.56
C THR B 68 -12.93 15.78 19.45
N LYS B 69 -11.73 15.96 18.93
CA LYS B 69 -10.52 15.68 19.69
C LYS B 69 -9.79 16.99 19.86
N LEU B 70 -8.98 17.10 20.91
CA LEU B 70 -8.23 18.33 21.11
C LEU B 70 -6.81 18.11 20.65
N TRP B 71 -6.38 18.97 19.74
CA TRP B 71 -5.03 18.88 19.21
C TRP B 71 -4.10 19.59 20.17
N GLU B 72 -3.07 18.87 20.62
CA GLU B 72 -2.11 19.44 21.55
C GLU B 72 -0.70 19.32 21.06
N LYS B 73 0.18 20.14 21.61
CA LYS B 73 1.56 20.12 21.20
C LYS B 73 2.16 18.72 21.26
N SER B 74 1.63 17.87 22.14
CA SER B 74 2.16 16.53 22.29
C SER B 74 1.29 15.39 21.73
N SER B 75 0.21 15.72 21.02
CA SER B 75 -0.69 14.70 20.48
C SER B 75 0.03 13.71 19.58
N LYS B 76 -0.40 12.45 19.59
CA LYS B 76 0.23 11.44 18.75
C LYS B 76 -0.55 11.11 17.51
N GLY B 77 -1.87 11.27 17.57
CA GLY B 77 -2.70 10.96 16.43
C GLY B 77 -3.80 9.98 16.81
N TRP B 78 -4.83 9.88 15.98
CA TRP B 78 -5.95 9.00 16.28
C TRP B 78 -6.46 8.28 15.04
N TYR B 79 -7.32 7.29 15.26
CA TYR B 79 -7.93 6.57 14.16
C TYR B 79 -9.36 6.17 14.52
N TRP B 80 -10.21 6.04 13.49
CA TRP B 80 -11.60 5.62 13.66
C TRP B 80 -11.81 4.53 12.64
N LYS B 81 -12.76 3.62 12.89
CA LYS B 81 -13.00 2.56 11.93
C LYS B 81 -14.36 2.72 11.29
N PHE B 82 -14.45 2.39 10.01
CA PHE B 82 -15.72 2.48 9.26
C PHE B 82 -16.16 1.09 8.84
N PRO B 83 -17.48 0.80 8.92
CA PRO B 83 -18.57 1.67 9.38
C PRO B 83 -18.79 1.70 10.90
N ASP B 84 -17.89 1.09 11.65
CA ASP B 84 -17.99 1.05 13.11
C ASP B 84 -18.43 2.37 13.78
N VAL B 85 -17.82 3.50 13.40
CA VAL B 85 -18.17 4.80 14.00
C VAL B 85 -19.66 5.14 13.95
N LEU B 86 -20.38 4.60 12.98
CA LEU B 86 -21.79 4.90 12.82
C LEU B 86 -22.78 3.82 13.19
N THR B 87 -22.31 2.61 13.49
CA THR B 87 -23.23 1.53 13.79
C THR B 87 -24.28 1.78 14.88
N GLU B 88 -24.08 2.81 15.71
CA GLU B 88 -25.06 3.09 16.75
C GLU B 88 -25.68 4.47 16.63
N THR B 89 -25.59 5.07 15.45
CA THR B 89 -26.11 6.41 15.25
C THR B 89 -27.19 6.56 14.19
N GLY B 90 -28.27 7.27 14.54
CA GLY B 90 -29.36 7.54 13.62
C GLY B 90 -29.99 6.39 12.86
N VAL B 91 -30.68 6.72 11.78
CA VAL B 91 -31.34 5.70 10.98
C VAL B 91 -30.32 4.79 10.32
N PHE B 92 -29.11 5.29 10.09
CA PHE B 92 -28.08 4.46 9.49
C PHE B 92 -27.80 3.28 10.42
N GLY B 93 -27.52 3.59 11.69
CA GLY B 93 -27.21 2.56 12.67
C GLY B 93 -28.30 1.52 12.76
N GLN B 94 -29.55 1.96 12.83
CA GLN B 94 -30.66 1.02 12.91
C GLN B 94 -30.64 0.05 11.74
N ASN B 95 -30.40 0.57 10.53
CA ASN B 95 -30.36 -0.29 9.36
C ASN B 95 -29.20 -1.27 9.41
N ALA B 96 -28.07 -0.83 9.95
CA ALA B 96 -26.89 -1.67 10.05
C ALA B 96 -27.10 -2.80 11.05
N GLN B 97 -27.95 -2.53 12.05
CA GLN B 97 -28.22 -3.52 13.08
C GLN B 97 -29.28 -4.52 12.65
N PHE B 98 -30.33 -4.06 11.97
CA PHE B 98 -31.40 -4.94 11.52
C PHE B 98 -31.04 -5.81 10.32
N HIS B 99 -30.01 -5.40 9.57
CA HIS B 99 -29.60 -6.15 8.39
C HIS B 99 -28.27 -6.86 8.53
N TYR B 100 -28.17 -8.00 7.88
CA TYR B 100 -26.94 -8.77 7.88
C TYR B 100 -25.99 -8.08 6.92
N LEU B 101 -26.47 -7.82 5.70
CA LEU B 101 -25.67 -7.20 4.65
C LEU B 101 -25.74 -5.69 4.54
N TYR B 102 -24.58 -5.10 4.28
CA TYR B 102 -24.46 -3.66 4.14
C TYR B 102 -23.33 -3.28 3.19
N ARG B 103 -23.50 -2.12 2.55
CA ARG B 103 -22.48 -1.56 1.68
C ARG B 103 -22.78 -0.08 1.49
N SER B 104 -21.74 0.72 1.35
CA SER B 104 -21.91 2.15 1.12
C SER B 104 -20.55 2.80 0.90
N GLY B 105 -20.57 4.03 0.41
CA GLY B 105 -19.36 4.78 0.22
C GLY B 105 -19.40 5.79 1.36
N PHE B 106 -18.47 6.75 1.36
CA PHE B 106 -18.45 7.74 2.42
C PHE B 106 -17.84 9.06 1.96
N CYS B 107 -18.36 10.14 2.54
CA CYS B 107 -17.79 11.46 2.29
C CYS B 107 -17.29 11.86 3.67
N ILE B 108 -15.97 11.98 3.80
CA ILE B 108 -15.39 12.33 5.09
C ILE B 108 -14.92 13.78 5.09
N HIS B 109 -15.33 14.54 6.09
CA HIS B 109 -14.94 15.94 6.20
C HIS B 109 -14.35 16.19 7.59
N VAL B 110 -13.02 16.30 7.67
CA VAL B 110 -12.34 16.55 8.93
C VAL B 110 -12.12 18.06 9.05
N GLN B 111 -12.51 18.62 10.19
CA GLN B 111 -12.40 20.05 10.40
C GLN B 111 -11.43 20.46 11.50
N CYS B 112 -10.68 21.53 11.22
CA CYS B 112 -9.73 22.07 12.17
C CYS B 112 -9.26 23.47 11.76
N ASN B 113 -9.70 24.49 12.47
CA ASN B 113 -9.29 25.84 12.15
C ASN B 113 -8.47 26.42 13.30
N ALA B 114 -7.62 27.39 13.01
CA ALA B 114 -6.80 28.00 14.04
C ALA B 114 -6.70 29.49 13.70
N SER B 115 -5.51 30.05 13.72
CA SER B 115 -5.36 31.47 13.37
C SER B 115 -4.13 31.60 12.48
N LYS B 116 -3.97 32.77 11.86
CA LYS B 116 -2.81 32.96 10.99
C LYS B 116 -1.50 33.01 11.76
N PHE B 117 -1.59 32.86 13.09
CA PHE B 117 -0.41 32.85 13.96
C PHE B 117 -0.11 31.49 14.58
N HIS B 118 -0.95 30.51 14.28
CA HIS B 118 -0.75 29.13 14.75
C HIS B 118 -0.08 28.39 13.58
N GLN B 119 0.42 27.19 13.84
CA GLN B 119 1.05 26.41 12.79
C GLN B 119 0.97 24.94 13.13
N GLY B 120 1.11 24.11 12.11
CA GLY B 120 1.07 22.67 12.30
C GLY B 120 0.42 22.02 11.11
N ALA B 121 0.63 20.72 10.95
CA ALA B 121 0.06 20.01 9.82
C ALA B 121 -0.40 18.61 10.19
N LEU B 122 -1.65 18.30 9.86
CA LEU B 122 -2.23 17.00 10.11
C LEU B 122 -2.28 16.22 8.80
N LEU B 123 -1.97 14.94 8.85
CA LEU B 123 -2.09 14.11 7.66
C LEU B 123 -3.42 13.37 7.87
N VAL B 124 -4.35 13.49 6.92
CA VAL B 124 -5.66 12.82 7.04
C VAL B 124 -5.73 11.80 5.92
N ALA B 125 -5.77 10.53 6.29
CA ALA B 125 -5.80 9.46 5.30
C ALA B 125 -6.76 8.33 5.58
N VAL B 126 -7.08 7.61 4.52
CA VAL B 126 -7.99 6.48 4.59
C VAL B 126 -7.19 5.22 4.23
N LEU B 127 -7.15 4.26 5.16
CA LEU B 127 -6.41 3.02 4.93
C LEU B 127 -7.36 1.82 5.00
N PRO B 128 -7.65 1.19 3.85
CA PRO B 128 -8.54 0.02 3.81
C PRO B 128 -7.97 -1.14 4.60
N GLU B 129 -8.84 -1.96 5.14
CA GLU B 129 -8.44 -3.14 5.92
C GLU B 129 -7.33 -2.78 6.89
N TYR B 130 -7.58 -1.79 7.75
CA TYR B 130 -6.59 -1.35 8.72
C TYR B 130 -6.53 -2.27 9.93
N VAL B 131 -5.72 -3.32 9.82
CA VAL B 131 -5.54 -4.31 10.87
C VAL B 131 -4.56 -3.81 11.92
N ILE B 132 -4.97 -3.83 13.18
CA ILE B 132 -4.14 -3.37 14.29
C ILE B 132 -3.28 -4.50 14.85
N GLY B 133 -2.04 -4.18 15.23
CA GLY B 133 -1.17 -5.17 15.82
C GLY B 133 -0.80 -4.73 17.24
N THR B 134 -0.19 -5.61 18.02
CA THR B 134 0.22 -5.25 19.37
C THR B 134 1.74 -5.23 19.43
N VAL B 135 2.28 -4.79 20.55
CA VAL B 135 3.74 -4.72 20.71
C VAL B 135 4.35 -6.06 21.15
N ALA B 136 3.53 -7.12 21.10
CA ALA B 136 3.99 -8.47 21.46
C ALA B 136 4.76 -8.56 22.77
N GLY B 137 4.22 -7.95 23.83
CA GLY B 137 4.88 -7.98 25.13
C GLY B 137 6.23 -7.28 25.18
N GLY B 138 6.46 -6.33 24.27
CA GLY B 138 7.71 -5.60 24.23
C GLY B 138 8.89 -6.36 23.64
N THR B 139 9.11 -7.58 24.15
CA THR B 139 10.22 -8.40 23.68
C THR B 139 9.89 -9.12 22.37
N GLY B 140 8.61 -9.19 22.03
CA GLY B 140 8.18 -9.85 20.81
C GLY B 140 8.02 -11.34 20.95
N THR B 141 7.99 -11.82 22.18
CA THR B 141 7.85 -13.25 22.42
C THR B 141 6.44 -13.61 22.83
N GLU B 142 5.66 -12.60 23.19
CA GLU B 142 4.29 -12.82 23.59
C GLU B 142 3.37 -12.55 22.40
N ASP B 143 2.53 -13.53 22.06
CA ASP B 143 1.61 -13.39 20.94
C ASP B 143 0.28 -12.76 21.40
N THR B 144 0.34 -11.51 21.87
CA THR B 144 -0.85 -10.79 22.31
C THR B 144 -1.68 -10.35 21.12
N HIS B 145 -2.92 -9.97 21.38
CA HIS B 145 -3.83 -9.53 20.35
C HIS B 145 -4.59 -8.33 20.85
N PRO B 146 -4.91 -7.39 19.96
CA PRO B 146 -5.65 -6.22 20.41
C PRO B 146 -7.08 -6.56 20.81
N PRO B 147 -7.55 -5.96 21.91
CA PRO B 147 -8.91 -6.17 22.41
C PRO B 147 -9.98 -5.51 21.54
N TYR B 148 -11.21 -6.00 21.63
CA TYR B 148 -12.31 -5.45 20.84
C TYR B 148 -12.36 -3.92 20.89
N LYS B 149 -12.23 -3.32 22.07
CA LYS B 149 -12.31 -1.86 22.17
C LYS B 149 -11.22 -1.13 21.40
N GLN B 150 -10.17 -1.84 21.00
CA GLN B 150 -9.10 -1.20 20.27
C GLN B 150 -9.22 -1.40 18.75
N THR B 151 -9.84 -2.51 18.33
CA THR B 151 -10.00 -2.78 16.91
C THR B 151 -11.22 -2.07 16.35
N GLN B 152 -12.24 -1.91 17.19
CA GLN B 152 -13.48 -1.23 16.82
C GLN B 152 -13.84 -0.27 17.95
N PRO B 153 -13.08 0.84 18.05
CA PRO B 153 -13.22 1.89 19.05
C PRO B 153 -14.50 2.70 19.05
N GLY B 154 -15.38 2.47 18.08
CA GLY B 154 -16.60 3.24 18.03
C GLY B 154 -16.35 4.68 17.64
N ALA B 155 -17.28 5.54 18.02
CA ALA B 155 -17.19 6.97 17.71
C ALA B 155 -16.10 7.75 18.39
N ASP B 156 -15.61 7.27 19.54
CA ASP B 156 -14.56 7.99 20.24
C ASP B 156 -13.22 7.81 19.58
N GLY B 157 -13.13 6.84 18.69
CA GLY B 157 -11.86 6.61 18.04
C GLY B 157 -10.87 6.09 19.08
N PHE B 158 -9.59 6.06 18.71
CA PHE B 158 -8.57 5.54 19.59
C PHE B 158 -7.26 6.26 19.29
N GLU B 159 -6.44 6.49 20.32
CA GLU B 159 -5.17 7.16 20.12
C GLU B 159 -4.07 6.16 19.76
N LEU B 160 -3.24 6.54 18.80
CA LEU B 160 -2.14 5.68 18.37
C LEU B 160 -1.08 5.59 19.45
N GLN B 161 -0.56 4.38 19.68
CA GLN B 161 0.48 4.18 20.68
C GLN B 161 1.85 4.52 20.04
N HIS B 162 2.09 3.98 18.84
CA HIS B 162 3.33 4.24 18.12
C HIS B 162 3.03 4.67 16.70
N PRO B 163 2.67 5.94 16.51
CA PRO B 163 2.34 6.46 15.18
C PRO B 163 3.35 6.19 14.06
N TYR B 164 4.63 6.16 14.38
CA TYR B 164 5.64 5.92 13.35
C TYR B 164 5.41 4.62 12.58
N VAL B 165 4.90 3.58 13.25
CA VAL B 165 4.63 2.31 12.58
C VAL B 165 3.13 2.03 12.50
N LEU B 166 2.33 3.07 12.70
CA LEU B 166 0.87 2.97 12.65
C LEU B 166 0.30 1.84 13.48
N ASP B 167 0.96 1.49 14.57
CA ASP B 167 0.52 0.41 15.46
C ASP B 167 0.28 -0.88 14.68
N ALA B 168 0.99 -1.04 13.56
CA ALA B 168 0.82 -2.21 12.72
C ALA B 168 2.08 -2.65 11.97
N GLY B 169 3.23 -2.14 12.39
CA GLY B 169 4.48 -2.50 11.78
C GLY B 169 4.75 -1.97 10.39
N ILE B 170 4.05 -0.89 10.02
CA ILE B 170 4.21 -0.29 8.70
C ILE B 170 4.49 1.19 8.83
N PRO B 171 5.36 1.75 7.98
CA PRO B 171 5.74 3.16 7.99
C PRO B 171 4.69 4.18 7.63
N ILE B 172 4.44 5.11 8.55
CA ILE B 172 3.48 6.16 8.29
C ILE B 172 4.03 7.06 7.18
N SER B 173 5.34 7.00 6.96
CA SER B 173 5.96 7.82 5.93
C SER B 173 5.41 7.48 4.54
N GLN B 174 4.85 6.29 4.40
CA GLN B 174 4.31 5.82 3.12
C GLN B 174 2.78 5.83 3.09
N LEU B 175 2.16 6.36 4.13
CA LEU B 175 0.71 6.38 4.20
C LEU B 175 0.07 7.22 3.09
N THR B 176 0.85 8.10 2.49
CA THR B 176 0.31 8.94 1.43
C THR B 176 0.02 8.15 0.15
N VAL B 177 0.30 6.86 0.15
CA VAL B 177 0.00 6.03 -1.01
C VAL B 177 -1.51 5.76 -0.96
N CYS B 178 -2.14 6.19 0.13
CA CYS B 178 -3.58 6.03 0.32
C CYS B 178 -4.25 7.38 0.10
N PRO B 179 -5.55 7.38 -0.22
CA PRO B 179 -6.28 8.62 -0.42
C PRO B 179 -6.09 9.51 0.80
N HIS B 180 -5.64 10.73 0.59
CA HIS B 180 -5.38 11.60 1.73
C HIS B 180 -5.38 13.07 1.37
N GLN B 181 -5.32 13.89 2.40
CA GLN B 181 -5.21 15.34 2.29
C GLN B 181 -4.46 15.74 3.55
N TRP B 182 -3.97 16.97 3.57
CA TRP B 182 -3.27 17.48 4.74
C TRP B 182 -4.02 18.70 5.22
N ILE B 183 -4.00 18.94 6.53
CA ILE B 183 -4.58 20.16 7.03
C ILE B 183 -3.36 20.90 7.54
N ASN B 184 -2.88 21.84 6.73
CA ASN B 184 -1.71 22.64 7.05
C ASN B 184 -2.35 23.96 7.46
N LEU B 185 -2.33 24.25 8.75
CA LEU B 185 -2.98 25.44 9.27
C LEU B 185 -2.81 26.74 8.49
N ARG B 186 -1.62 26.98 7.94
CA ARG B 186 -1.41 28.21 7.19
C ARG B 186 -2.14 28.22 5.85
N THR B 187 -2.67 27.06 5.46
CA THR B 187 -3.32 26.91 4.17
C THR B 187 -4.81 26.61 4.15
N ASN B 188 -5.21 25.55 4.83
CA ASN B 188 -6.60 25.14 4.83
C ASN B 188 -7.08 24.75 6.23
N ASN B 189 -8.39 24.64 6.41
CA ASN B 189 -8.93 24.28 7.71
C ASN B 189 -9.78 23.01 7.65
N CYS B 190 -9.57 22.20 6.63
CA CYS B 190 -10.36 20.98 6.51
C CYS B 190 -9.83 20.07 5.43
N ALA B 191 -10.27 18.82 5.51
CA ALA B 191 -9.89 17.82 4.53
C ALA B 191 -11.18 17.14 4.10
N THR B 192 -11.32 16.87 2.81
CA THR B 192 -12.52 16.21 2.33
C THR B 192 -12.09 15.06 1.43
N ILE B 193 -12.51 13.86 1.81
CA ILE B 193 -12.17 12.66 1.06
C ILE B 193 -13.43 11.84 0.78
N ILE B 194 -13.62 11.47 -0.47
CA ILE B 194 -14.76 10.66 -0.85
C ILE B 194 -14.22 9.28 -1.13
N VAL B 195 -14.83 8.29 -0.49
CA VAL B 195 -14.39 6.90 -0.63
C VAL B 195 -15.50 5.99 -1.15
N PRO B 196 -15.19 5.17 -2.16
CA PRO B 196 -16.19 4.25 -2.71
C PRO B 196 -16.16 2.98 -1.84
N TYR B 197 -17.12 2.09 -2.01
CA TYR B 197 -17.12 0.86 -1.22
C TYR B 197 -15.89 0.05 -1.59
N ILE B 198 -15.12 -0.39 -0.59
CA ILE B 198 -13.93 -1.18 -0.88
C ILE B 198 -13.96 -2.52 -0.15
N ASN B 199 -14.04 -3.60 -0.91
CA ASN B 199 -14.08 -4.94 -0.33
C ASN B 199 -13.93 -5.94 -1.45
N ALA B 200 -13.70 -7.21 -1.12
CA ALA B 200 -13.56 -8.24 -2.12
C ALA B 200 -14.90 -8.95 -2.33
N LEU B 201 -15.92 -8.46 -1.62
CA LEU B 201 -17.28 -9.00 -1.70
C LEU B 201 -18.19 -7.84 -2.04
N PRO B 202 -19.35 -8.11 -2.65
CA PRO B 202 -20.28 -7.05 -3.02
C PRO B 202 -20.98 -6.39 -1.82
N PHE B 203 -21.23 -7.16 -0.76
CA PHE B 203 -21.85 -6.68 0.47
C PHE B 203 -21.14 -7.39 1.62
N ASP B 204 -21.28 -6.89 2.84
CA ASP B 204 -20.64 -7.54 3.99
C ASP B 204 -21.31 -7.05 5.27
N SER B 205 -20.89 -7.60 6.40
CA SER B 205 -21.46 -7.22 7.70
C SER B 205 -20.87 -5.90 8.19
N ALA B 206 -21.74 -4.97 8.57
CA ALA B 206 -21.27 -3.69 9.07
C ALA B 206 -20.72 -3.85 10.47
N LEU B 207 -21.09 -4.95 11.12
CA LEU B 207 -20.63 -5.19 12.48
C LEU B 207 -19.31 -5.96 12.57
N ASN B 208 -19.20 -7.05 11.82
CA ASN B 208 -17.99 -7.84 11.90
C ASN B 208 -16.79 -7.34 11.13
N HIS B 209 -17.04 -6.55 10.09
CA HIS B 209 -15.94 -6.11 9.24
C HIS B 209 -15.88 -4.61 9.01
N CYS B 210 -14.71 -4.03 9.30
CA CYS B 210 -14.46 -2.61 9.09
C CYS B 210 -13.71 -2.47 7.77
N ASN B 211 -14.35 -1.86 6.79
CA ASN B 211 -13.74 -1.71 5.49
C ASN B 211 -12.48 -0.85 5.46
N PHE B 212 -12.43 0.19 6.27
CA PHE B 212 -11.23 1.01 6.29
C PHE B 212 -11.15 1.83 7.56
N GLY B 213 -9.97 2.38 7.80
CA GLY B 213 -9.77 3.20 8.97
C GLY B 213 -9.43 4.61 8.54
N LEU B 214 -9.83 5.59 9.35
CA LEU B 214 -9.53 6.99 9.09
C LEU B 214 -8.44 7.38 10.07
N LEU B 215 -7.33 7.86 9.56
CA LEU B 215 -6.22 8.27 10.41
C LEU B 215 -6.03 9.79 10.35
N VAL B 216 -5.86 10.41 11.52
CA VAL B 216 -5.61 11.84 11.61
C VAL B 216 -4.39 11.93 12.51
N VAL B 217 -3.24 12.24 11.92
CA VAL B 217 -1.98 12.28 12.64
C VAL B 217 -1.17 13.54 12.43
N PRO B 218 -0.76 14.20 13.53
CA PRO B 218 0.04 15.41 13.31
C PRO B 218 1.47 15.01 12.93
N ILE B 219 1.95 15.51 11.79
CA ILE B 219 3.29 15.23 11.32
C ILE B 219 4.19 16.41 11.67
N SER B 220 3.62 17.60 11.58
CA SER B 220 4.32 18.82 11.96
C SER B 220 3.49 19.27 13.16
N PRO B 221 4.08 19.24 14.37
CA PRO B 221 3.40 19.62 15.61
C PRO B 221 2.80 21.00 15.71
N LEU B 222 1.67 21.05 16.41
CA LEU B 222 0.94 22.29 16.65
C LEU B 222 1.82 23.23 17.47
N ASP B 223 1.80 24.51 17.15
CA ASP B 223 2.59 25.47 17.89
C ASP B 223 1.97 26.85 17.77
N TYR B 224 2.19 27.67 18.79
CA TYR B 224 1.66 29.03 18.86
C TYR B 224 2.33 29.69 20.05
N ASP B 225 2.25 31.01 20.13
CA ASP B 225 2.85 31.73 21.25
C ASP B 225 1.86 31.88 22.41
N GLN B 226 2.41 31.99 23.62
CA GLN B 226 1.61 32.17 24.83
C GLN B 226 0.65 33.32 24.62
N GLY B 227 -0.65 33.07 24.79
CA GLY B 227 -1.61 34.16 24.59
C GLY B 227 -2.60 33.91 23.47
N ALA B 228 -2.24 33.04 22.53
CA ALA B 228 -3.12 32.70 21.43
C ALA B 228 -4.05 31.59 21.95
N THR B 229 -5.26 31.48 21.41
CA THR B 229 -6.18 30.43 21.85
C THR B 229 -5.44 29.09 21.83
N PRO B 230 -5.36 28.41 22.97
CA PRO B 230 -4.66 27.11 23.07
C PRO B 230 -5.49 25.86 22.80
N VAL B 231 -6.80 26.02 22.80
CA VAL B 231 -7.70 24.90 22.54
C VAL B 231 -8.05 24.84 21.05
N ILE B 232 -7.42 23.89 20.35
CA ILE B 232 -7.63 23.72 18.91
C ILE B 232 -8.28 22.36 18.64
N PRO B 233 -9.61 22.33 18.52
CA PRO B 233 -10.34 21.08 18.26
C PRO B 233 -10.22 20.55 16.84
N ILE B 234 -10.42 19.25 16.70
CA ILE B 234 -10.42 18.59 15.41
C ILE B 234 -11.74 17.85 15.43
N THR B 235 -12.64 18.18 14.50
CA THR B 235 -13.93 17.52 14.48
C THR B 235 -14.11 16.63 13.25
N ILE B 236 -14.74 15.47 13.48
CA ILE B 236 -14.97 14.47 12.44
C ILE B 236 -16.43 14.43 12.02
N THR B 237 -16.70 14.74 10.75
CA THR B 237 -18.06 14.69 10.21
C THR B 237 -17.99 13.77 8.99
N LEU B 238 -18.98 12.91 8.83
CA LEU B 238 -18.97 11.97 7.72
C LEU B 238 -20.36 11.62 7.25
N ALA B 239 -20.48 11.27 5.96
CA ALA B 239 -21.77 10.91 5.38
C ALA B 239 -21.72 9.66 4.53
N PRO B 240 -22.61 8.71 4.80
CA PRO B 240 -22.64 7.48 4.01
C PRO B 240 -23.15 7.88 2.63
N MET B 241 -22.75 7.17 1.60
CA MET B 241 -23.22 7.47 0.25
C MET B 241 -23.66 6.19 -0.43
N CYS B 242 -24.83 6.20 -1.03
CA CYS B 242 -25.36 5.03 -1.72
C CYS B 242 -25.51 3.80 -0.83
N SER B 243 -25.95 4.03 0.40
CA SER B 243 -26.13 2.93 1.34
C SER B 243 -27.18 1.93 0.86
N GLU B 244 -26.85 0.65 1.00
CA GLU B 244 -27.73 -0.45 0.62
C GLU B 244 -27.67 -1.47 1.76
N PHE B 245 -28.81 -2.08 2.06
CA PHE B 245 -28.88 -3.09 3.12
C PHE B 245 -29.72 -4.27 2.65
N ALA B 246 -29.41 -5.46 3.14
CA ALA B 246 -30.17 -6.65 2.77
C ALA B 246 -30.03 -7.69 3.86
N GLY B 247 -30.82 -8.76 3.78
CA GLY B 247 -30.76 -9.82 4.78
C GLY B 247 -31.37 -9.34 6.09
N LEU B 248 -32.64 -8.97 6.05
CA LEU B 248 -33.36 -8.46 7.21
C LEU B 248 -33.76 -9.49 8.26
N ARG B 249 -33.63 -9.12 9.53
CA ARG B 249 -34.05 -9.95 10.67
C ARG B 249 -34.12 -9.04 11.90
N GLN B 250 -33.94 -9.56 13.11
CA GLN B 250 -34.02 -8.69 14.28
C GLN B 250 -32.74 -7.85 14.41
N ALA B 251 -32.81 -6.78 15.20
CA ALA B 251 -31.64 -5.93 15.40
C ALA B 251 -30.60 -6.67 16.26
N VAL B 252 -29.33 -6.48 15.91
CA VAL B 252 -28.21 -7.11 16.58
C VAL B 252 -27.13 -6.04 16.71
N THR B 253 -26.53 -5.89 17.88
CA THR B 253 -25.49 -4.87 18.04
C THR B 253 -24.07 -5.37 17.80
N GLN B 254 -23.90 -6.69 17.81
CA GLN B 254 -22.60 -7.28 17.54
C GLN B 254 -22.72 -8.80 17.36
N GLY C 1 8.32 -45.17 -30.37
CA GLY C 1 7.91 -43.75 -30.16
C GLY C 1 8.68 -42.80 -31.05
N PHE C 2 8.34 -41.52 -30.99
CA PHE C 2 8.99 -40.49 -31.79
C PHE C 2 10.42 -40.21 -31.27
N PRO C 3 11.44 -40.25 -32.15
CA PRO C 3 12.82 -40.01 -31.72
C PRO C 3 13.11 -38.65 -31.11
N THR C 4 13.54 -38.67 -29.85
CA THR C 4 13.89 -37.44 -29.14
C THR C 4 15.25 -37.62 -28.48
N GLU C 5 15.83 -36.52 -28.00
CA GLU C 5 17.15 -36.57 -27.38
C GLU C 5 17.20 -35.48 -26.30
N LEU C 6 17.44 -35.87 -25.04
CA LEU C 6 17.47 -34.92 -23.93
C LEU C 6 18.68 -33.99 -23.95
N LYS C 7 18.45 -32.71 -23.69
CA LYS C 7 19.51 -31.71 -23.68
C LYS C 7 19.81 -31.19 -22.28
N PRO C 8 20.97 -30.51 -22.11
CA PRO C 8 21.30 -29.97 -20.79
C PRO C 8 20.18 -29.05 -20.30
N GLY C 9 19.93 -29.07 -18.99
CA GLY C 9 18.87 -28.26 -18.41
C GLY C 9 17.79 -29.24 -18.00
N THR C 10 17.81 -30.43 -18.61
CA THR C 10 16.84 -31.48 -18.30
C THR C 10 16.79 -31.72 -16.80
N ASN C 11 15.55 -31.77 -16.27
CA ASN C 11 15.27 -32.00 -14.85
C ASN C 11 15.49 -30.84 -13.90
N GLN C 12 16.11 -29.75 -14.35
CA GLN C 12 16.38 -28.63 -13.46
C GLN C 12 15.11 -27.86 -13.11
N PHE C 13 15.12 -27.24 -11.94
CA PHE C 13 13.99 -26.42 -11.51
C PHE C 13 14.49 -24.98 -11.46
N LEU C 14 14.17 -24.18 -12.47
CA LEU C 14 14.56 -22.77 -12.52
C LEU C 14 13.37 -21.98 -11.97
N THR C 15 13.57 -21.28 -10.85
CA THR C 15 12.48 -20.55 -10.20
C THR C 15 11.75 -19.49 -11.04
N THR C 16 12.42 -18.95 -12.06
CA THR C 16 11.80 -17.94 -12.90
C THR C 16 11.36 -18.50 -14.26
N ASP C 17 11.43 -19.82 -14.42
CA ASP C 17 11.02 -20.43 -15.66
C ASP C 17 9.51 -20.31 -15.77
N ASP C 18 9.02 -19.82 -16.91
CA ASP C 18 7.58 -19.63 -17.14
C ASP C 18 7.01 -20.74 -18.01
N GLY C 19 6.80 -21.91 -17.39
CA GLY C 19 6.28 -23.05 -18.11
C GLY C 19 4.85 -23.46 -17.76
N VAL C 20 4.46 -24.63 -18.26
CA VAL C 20 3.12 -25.17 -18.05
C VAL C 20 3.16 -26.33 -17.09
N SER C 21 2.20 -26.37 -16.16
CA SER C 21 2.11 -27.43 -15.17
C SER C 21 0.70 -28.01 -15.12
N ALA C 22 0.61 -29.33 -14.92
CA ALA C 22 -0.67 -30.02 -14.85
C ALA C 22 -1.60 -29.40 -13.80
N PRO C 23 -2.86 -29.17 -14.16
CA PRO C 23 -3.85 -28.59 -13.24
C PRO C 23 -4.40 -29.63 -12.27
N ILE C 24 -4.48 -29.28 -10.98
CA ILE C 24 -4.96 -30.22 -9.97
C ILE C 24 -6.47 -30.39 -9.88
N LEU C 25 -7.23 -29.40 -10.31
CA LEU C 25 -8.69 -29.47 -10.26
C LEU C 25 -9.29 -29.30 -11.64
N PRO C 26 -9.51 -30.39 -12.37
CA PRO C 26 -10.09 -30.24 -13.71
C PRO C 26 -11.51 -29.69 -13.70
N ASN C 27 -11.81 -28.85 -14.68
CA ASN C 27 -13.14 -28.25 -14.84
C ASN C 27 -13.57 -27.34 -13.70
N PHE C 28 -12.63 -26.89 -12.89
CA PHE C 28 -12.93 -26.00 -11.79
C PHE C 28 -13.02 -24.58 -12.33
N HIS C 29 -14.03 -23.83 -11.91
CA HIS C 29 -14.19 -22.44 -12.36
C HIS C 29 -14.13 -21.54 -11.10
N PRO C 30 -13.26 -20.52 -11.11
CA PRO C 30 -13.14 -19.61 -9.97
C PRO C 30 -14.31 -18.69 -9.74
N THR C 31 -14.39 -18.14 -8.55
CA THR C 31 -15.45 -17.19 -8.21
C THR C 31 -15.27 -16.01 -9.15
N PRO C 32 -16.37 -15.51 -9.73
CA PRO C 32 -16.23 -14.37 -10.64
C PRO C 32 -15.57 -13.19 -9.95
N CYS C 33 -14.93 -12.33 -10.72
CA CYS C 33 -14.27 -11.18 -10.14
C CYS C 33 -15.17 -9.95 -10.18
N ILE C 34 -15.64 -9.48 -9.02
CA ILE C 34 -16.48 -8.29 -9.00
C ILE C 34 -15.57 -7.08 -9.17
N HIS C 35 -16.17 -5.89 -9.25
CA HIS C 35 -15.34 -4.70 -9.40
C HIS C 35 -14.78 -4.30 -8.06
N ILE C 36 -13.49 -3.99 -8.02
CA ILE C 36 -12.85 -3.56 -6.78
C ILE C 36 -12.07 -2.31 -7.14
N PRO C 37 -12.20 -1.26 -6.35
CA PRO C 37 -11.47 -0.02 -6.65
C PRO C 37 -9.95 -0.16 -6.48
N GLY C 38 -9.23 0.78 -7.07
CA GLY C 38 -7.79 0.81 -6.93
C GLY C 38 -6.95 -0.33 -7.46
N GLU C 39 -7.29 -0.87 -8.63
CA GLU C 39 -6.45 -1.94 -9.16
C GLU C 39 -5.13 -1.35 -9.64
N VAL C 40 -4.02 -2.03 -9.40
CA VAL C 40 -2.75 -1.53 -9.91
C VAL C 40 -2.27 -2.49 -10.98
N ARG C 41 -1.63 -1.94 -12.01
CA ARG C 41 -1.14 -2.70 -13.14
C ARG C 41 0.38 -2.76 -13.28
N ASN C 42 1.06 -1.69 -12.86
CA ASN C 42 2.50 -1.63 -12.97
C ASN C 42 3.10 -0.94 -11.74
N LEU C 43 4.18 -1.48 -11.19
CA LEU C 43 4.77 -0.87 -10.01
C LEU C 43 5.14 0.59 -10.27
N LEU C 44 5.39 0.92 -11.54
CA LEU C 44 5.73 2.28 -11.90
C LEU C 44 4.61 3.26 -11.51
N GLU C 45 3.38 2.77 -11.45
CA GLU C 45 2.25 3.61 -11.06
C GLU C 45 2.47 4.10 -9.63
N LEU C 46 3.01 3.23 -8.79
CA LEU C 46 3.26 3.56 -7.39
C LEU C 46 4.48 4.45 -7.21
N CYS C 47 5.46 4.31 -8.10
CA CYS C 47 6.67 5.12 -8.01
C CYS C 47 6.40 6.59 -8.27
N GLN C 48 5.23 6.90 -8.82
CA GLN C 48 4.91 8.30 -9.10
C GLN C 48 4.13 8.97 -7.99
N VAL C 49 3.86 8.21 -6.92
CA VAL C 49 3.13 8.74 -5.77
C VAL C 49 4.11 9.23 -4.71
N GLU C 50 3.98 10.48 -4.28
CA GLU C 50 4.89 11.02 -3.28
C GLU C 50 4.68 10.43 -1.90
N THR C 51 5.78 10.10 -1.24
CA THR C 51 5.77 9.57 0.12
C THR C 51 6.79 10.43 0.87
N ILE C 52 6.68 10.47 2.20
CA ILE C 52 7.57 11.31 3.01
C ILE C 52 9.03 10.87 3.04
N LEU C 53 9.91 11.82 2.69
CA LEU C 53 11.34 11.61 2.66
C LEU C 53 11.91 12.03 4.01
N GLU C 54 12.59 11.11 4.70
CA GLU C 54 13.16 11.43 6.00
C GLU C 54 14.52 12.09 5.88
N VAL C 55 14.50 13.38 5.53
CA VAL C 55 15.71 14.15 5.40
C VAL C 55 16.36 14.21 6.78
N ASN C 56 15.53 14.35 7.80
CA ASN C 56 16.03 14.41 9.17
C ASN C 56 16.14 13.01 9.76
N ASN C 57 16.97 12.17 9.15
CA ASN C 57 17.13 10.82 9.64
C ASN C 57 18.21 10.72 10.72
N VAL C 58 18.04 11.44 11.83
CA VAL C 58 19.05 11.36 12.89
C VAL C 58 18.53 10.78 14.22
N PRO C 59 17.37 11.25 14.73
CA PRO C 59 16.85 10.71 16.00
C PRO C 59 16.59 9.21 15.86
N THR C 60 16.92 8.42 16.89
CA THR C 60 16.69 6.98 16.80
C THR C 60 15.93 6.31 17.94
N ASN C 61 15.72 7.00 19.05
CA ASN C 61 14.98 6.40 20.15
C ASN C 61 13.50 6.42 19.81
N ALA C 62 12.79 5.35 20.17
CA ALA C 62 11.36 5.21 19.86
C ALA C 62 10.47 6.44 19.98
N THR C 63 10.60 7.17 21.08
CA THR C 63 9.75 8.34 21.30
C THR C 63 10.04 9.54 20.39
N SER C 64 11.14 9.50 19.65
CA SER C 64 11.50 10.60 18.77
C SER C 64 11.45 10.23 17.29
N LEU C 65 11.01 9.02 16.99
CA LEU C 65 10.96 8.57 15.61
C LEU C 65 10.15 9.49 14.69
N MET C 66 9.02 10.00 15.16
CA MET C 66 8.21 10.90 14.35
C MET C 66 8.94 12.17 13.92
N GLU C 67 9.99 12.54 14.63
CA GLU C 67 10.73 13.74 14.27
C GLU C 67 11.54 13.59 12.97
N ARG C 68 11.70 12.37 12.49
CA ARG C 68 12.45 12.16 11.25
C ARG C 68 11.66 12.65 10.04
N LEU C 69 10.34 12.73 10.19
CA LEU C 69 9.46 13.12 9.10
C LEU C 69 9.49 14.60 8.73
N ARG C 70 10.09 15.43 9.56
CA ARG C 70 10.15 16.86 9.24
C ARG C 70 11.43 17.49 9.75
N PHE C 71 11.90 18.53 9.07
CA PHE C 71 13.10 19.24 9.50
C PHE C 71 12.79 20.73 9.67
N PRO C 72 13.54 21.41 10.53
CA PRO C 72 13.29 22.84 10.78
C PRO C 72 14.00 23.93 10.02
N VAL C 73 13.38 25.10 10.11
CA VAL C 73 13.88 26.36 9.55
C VAL C 73 13.54 27.36 10.66
N SER C 74 14.34 28.41 10.78
CA SER C 74 14.09 29.41 11.80
C SER C 74 14.86 30.66 11.47
N ALA C 75 14.56 31.75 12.16
CA ALA C 75 15.23 33.03 11.93
C ALA C 75 16.74 32.86 12.09
N GLN C 76 17.50 33.35 11.12
CA GLN C 76 18.96 33.25 11.12
C GLN C 76 19.63 34.62 11.24
N ALA C 77 20.91 34.67 10.84
CA ALA C 77 21.66 35.91 10.85
C ALA C 77 22.12 36.29 9.44
N GLY C 78 21.28 36.02 8.45
CA GLY C 78 21.53 36.36 7.05
C GLY C 78 22.87 36.10 6.38
N LYS C 79 23.54 35.04 6.78
CA LYS C 79 24.81 34.74 6.16
C LYS C 79 24.60 33.62 5.15
N GLY C 80 23.40 33.52 4.57
CA GLY C 80 23.12 32.45 3.61
C GLY C 80 23.56 31.10 4.18
N GLU C 81 23.10 30.82 5.39
CA GLU C 81 23.48 29.60 6.07
C GLU C 81 22.85 28.33 5.50
N LEU C 82 23.50 27.20 5.76
CA LEU C 82 23.05 25.90 5.29
C LEU C 82 21.93 25.34 6.17
N CYS C 83 20.88 24.82 5.54
CA CYS C 83 19.75 24.28 6.29
C CYS C 83 19.79 22.76 6.40
N ALA C 84 20.10 22.08 5.30
CA ALA C 84 20.15 20.62 5.31
C ALA C 84 20.77 20.12 4.02
N VAL C 85 21.23 18.87 4.03
CA VAL C 85 21.80 18.26 2.83
C VAL C 85 21.45 16.77 2.84
N PHE C 86 21.50 16.15 1.68
CA PHE C 86 21.26 14.72 1.58
C PHE C 86 21.60 14.23 0.18
N ARG C 87 21.99 12.96 0.07
CA ARG C 87 22.30 12.41 -1.24
C ARG C 87 21.02 12.19 -2.01
N ALA C 88 21.08 12.38 -3.32
CA ALA C 88 19.92 12.19 -4.17
C ALA C 88 19.74 10.73 -4.57
N ASP C 89 20.75 9.89 -4.34
CA ASP C 89 20.70 8.47 -4.68
C ASP C 89 19.46 7.81 -4.06
N PRO C 90 18.47 7.45 -4.89
CA PRO C 90 17.24 6.83 -4.40
C PRO C 90 17.31 5.40 -3.91
N GLY C 91 18.26 4.62 -4.40
CA GLY C 91 18.33 3.23 -3.95
C GLY C 91 19.45 3.02 -2.96
N ARG C 92 19.87 4.09 -2.30
CA ARG C 92 20.97 4.04 -1.34
C ARG C 92 20.50 4.22 0.09
N ASN C 93 21.27 3.68 1.04
CA ASN C 93 20.93 3.83 2.46
C ASN C 93 20.88 5.30 2.77
N GLY C 94 19.89 5.70 3.53
CA GLY C 94 19.76 7.10 3.85
C GLY C 94 18.31 7.49 3.89
N PRO C 95 18.03 8.78 3.68
CA PRO C 95 16.68 9.33 3.69
C PRO C 95 15.68 8.65 2.76
N TRP C 96 16.11 8.31 1.55
CA TRP C 96 15.17 7.71 0.61
C TRP C 96 14.59 6.40 1.04
N GLN C 97 15.16 5.77 2.04
CA GLN C 97 14.64 4.49 2.50
C GLN C 97 13.25 4.61 3.08
N SER C 98 12.86 5.82 3.49
CA SER C 98 11.54 6.00 4.08
C SER C 98 10.45 6.07 3.02
N THR C 99 10.85 6.33 1.78
CA THR C 99 9.88 6.45 0.68
C THR C 99 9.50 5.14 0.03
N LEU C 100 8.29 5.08 -0.50
CA LEU C 100 7.82 3.88 -1.18
C LEU C 100 8.69 3.67 -2.43
N LEU C 101 9.14 4.79 -3.03
CA LEU C 101 9.98 4.72 -4.22
C LEU C 101 11.27 4.00 -3.87
N GLY C 102 11.88 4.41 -2.77
CA GLY C 102 13.13 3.78 -2.35
C GLY C 102 12.96 2.30 -2.10
N GLN C 103 11.85 1.93 -1.48
CA GLN C 103 11.60 0.52 -1.18
C GLN C 103 11.35 -0.33 -2.42
N LEU C 104 10.50 0.14 -3.34
CA LEU C 104 10.21 -0.62 -4.56
C LEU C 104 11.49 -0.71 -5.36
N CYS C 105 12.24 0.37 -5.28
CA CYS C 105 13.51 0.48 -5.96
C CYS C 105 14.46 -0.66 -5.51
N GLY C 106 14.28 -1.09 -4.26
CA GLY C 106 15.12 -2.15 -3.73
C GLY C 106 14.92 -3.49 -4.40
N TYR C 107 13.84 -3.65 -5.17
CA TYR C 107 13.58 -4.93 -5.85
C TYR C 107 14.10 -4.94 -7.28
N TYR C 108 14.86 -3.91 -7.65
CA TYR C 108 15.41 -3.84 -8.98
C TYR C 108 16.88 -3.48 -8.92
N THR C 109 17.67 -4.03 -9.84
CA THR C 109 19.10 -3.78 -9.86
C THR C 109 19.48 -2.46 -10.48
N GLN C 110 18.74 -2.05 -11.50
CA GLN C 110 19.02 -0.82 -12.22
C GLN C 110 17.79 0.06 -12.33
N TRP C 111 18.01 1.37 -12.38
CA TRP C 111 16.92 2.33 -12.53
C TRP C 111 17.37 3.45 -13.46
N SER C 112 16.40 4.21 -13.96
CA SER C 112 16.70 5.31 -14.86
C SER C 112 15.55 6.29 -14.85
N GLY C 113 15.87 7.57 -14.82
CA GLY C 113 14.81 8.58 -14.83
C GLY C 113 15.04 9.74 -13.90
N SER C 114 14.20 10.76 -14.03
CA SER C 114 14.30 11.94 -13.18
C SER C 114 13.49 11.72 -11.92
N LEU C 115 13.88 12.42 -10.85
CA LEU C 115 13.17 12.30 -9.60
C LEU C 115 12.66 13.68 -9.24
N GLU C 116 11.79 13.76 -8.25
CA GLU C 116 11.29 15.05 -7.82
C GLU C 116 11.02 15.05 -6.32
N VAL C 117 11.35 16.15 -5.66
CA VAL C 117 11.10 16.28 -4.23
C VAL C 117 10.29 17.54 -4.03
N THR C 118 9.13 17.40 -3.41
CA THR C 118 8.30 18.57 -3.16
C THR C 118 8.38 18.89 -1.68
N PHE C 119 8.72 20.14 -1.38
CA PHE C 119 8.85 20.57 0.00
C PHE C 119 7.64 21.38 0.42
N MET C 120 7.02 21.00 1.53
CA MET C 120 5.86 21.73 2.02
C MET C 120 6.23 22.46 3.31
N PHE C 121 5.98 23.77 3.34
CA PHE C 121 6.29 24.59 4.50
C PHE C 121 5.07 24.56 5.44
N THR C 122 5.31 24.24 6.71
CA THR C 122 4.21 24.15 7.66
C THR C 122 4.27 25.18 8.78
N GLY C 123 4.94 26.30 8.53
CA GLY C 123 5.02 27.36 9.51
C GLY C 123 3.71 28.13 9.51
N SER C 124 3.61 29.18 10.32
CA SER C 124 2.38 29.97 10.36
C SER C 124 2.21 30.78 9.07
N PHE C 125 0.99 31.24 8.84
CA PHE C 125 0.68 32.05 7.69
C PHE C 125 1.47 33.36 7.68
N MET C 126 1.82 33.87 8.86
CA MET C 126 2.56 35.13 8.95
C MET C 126 4.06 34.99 8.70
N ALA C 127 4.56 33.76 8.58
CA ALA C 127 5.98 33.56 8.33
C ALA C 127 6.29 33.61 6.84
N THR C 128 7.40 34.26 6.49
CA THR C 128 7.81 34.37 5.10
C THR C 128 9.26 33.92 4.98
N GLY C 129 9.75 33.83 3.74
CA GLY C 129 11.12 33.44 3.55
C GLY C 129 11.42 32.95 2.15
N LYS C 130 12.71 32.93 1.79
CA LYS C 130 13.15 32.45 0.49
C LYS C 130 14.30 31.48 0.74
N MET C 131 14.19 30.27 0.20
CA MET C 131 15.21 29.24 0.33
C MET C 131 15.78 28.91 -1.06
N LEU C 132 17.02 28.46 -1.11
CA LEU C 132 17.65 28.07 -2.38
C LEU C 132 17.88 26.56 -2.23
N ILE C 133 17.26 25.77 -3.10
CA ILE C 133 17.43 24.31 -3.06
C ILE C 133 18.25 23.91 -4.28
N ALA C 134 19.39 23.28 -4.05
CA ALA C 134 20.25 22.91 -5.15
C ALA C 134 20.58 21.43 -5.30
N TYR C 135 20.74 21.03 -6.56
CA TYR C 135 21.09 19.66 -6.91
C TYR C 135 22.45 19.72 -7.59
N THR C 136 23.44 19.07 -7.00
CA THR C 136 24.78 19.05 -7.53
C THR C 136 25.04 17.72 -8.21
N PRO C 137 25.16 17.72 -9.54
CA PRO C 137 25.41 16.48 -10.30
C PRO C 137 26.72 15.84 -9.84
N PRO C 138 26.95 14.58 -10.23
CA PRO C 138 28.16 13.84 -9.85
C PRO C 138 29.47 14.63 -10.04
N GLY C 139 30.44 14.34 -9.18
CA GLY C 139 31.72 15.01 -9.28
C GLY C 139 31.86 16.24 -8.42
N GLY C 140 30.75 16.93 -8.16
CA GLY C 140 30.82 18.12 -7.33
C GLY C 140 30.72 17.73 -5.87
N PRO C 141 31.71 18.09 -5.05
CA PRO C 141 31.66 17.75 -3.62
C PRO C 141 30.62 18.59 -2.90
N LEU C 142 30.32 18.22 -1.66
CA LEU C 142 29.33 18.95 -0.87
C LEU C 142 29.70 20.44 -0.92
N PRO C 143 28.79 21.28 -1.45
CA PRO C 143 29.06 22.73 -1.53
C PRO C 143 29.43 23.33 -0.17
N LYS C 144 30.58 23.98 -0.10
CA LYS C 144 31.03 24.60 1.15
C LYS C 144 30.14 25.79 1.53
N ASP C 145 29.65 26.52 0.53
CA ASP C 145 28.79 27.66 0.78
C ASP C 145 27.69 27.78 -0.26
N ARG C 146 26.79 28.73 -0.06
CA ARG C 146 25.68 28.91 -0.96
C ARG C 146 26.12 29.34 -2.36
N ALA C 147 27.20 30.09 -2.45
CA ALA C 147 27.69 30.54 -3.75
C ALA C 147 28.17 29.40 -4.63
N THR C 148 28.63 28.32 -3.99
CA THR C 148 29.10 27.15 -4.72
C THR C 148 27.90 26.30 -5.14
N ALA C 149 26.94 26.16 -4.25
CA ALA C 149 25.76 25.34 -4.53
C ALA C 149 24.96 25.92 -5.69
N MET C 150 24.88 27.24 -5.70
CA MET C 150 24.15 28.00 -6.71
C MET C 150 24.60 27.74 -8.16
N LEU C 151 25.80 27.16 -8.32
CA LEU C 151 26.31 26.89 -9.66
C LEU C 151 25.69 25.66 -10.32
N GLY C 152 24.95 24.88 -9.55
CA GLY C 152 24.31 23.69 -10.08
C GLY C 152 22.83 23.91 -10.37
N THR C 153 22.10 22.83 -10.57
CA THR C 153 20.67 22.93 -10.86
C THR C 153 19.99 23.36 -9.58
N HIS C 154 19.16 24.39 -9.65
CA HIS C 154 18.50 24.83 -8.42
C HIS C 154 17.18 25.57 -8.58
N VAL C 155 16.50 25.71 -7.45
CA VAL C 155 15.23 26.42 -7.39
C VAL C 155 15.27 27.40 -6.23
N ILE C 156 14.73 28.58 -6.44
CA ILE C 156 14.65 29.56 -5.38
C ILE C 156 13.17 29.59 -5.01
N TRP C 157 12.90 29.11 -3.81
CA TRP C 157 11.56 28.99 -3.25
C TRP C 157 11.11 30.18 -2.41
N ASP C 158 9.92 30.69 -2.72
CA ASP C 158 9.36 31.82 -2.00
C ASP C 158 8.13 31.35 -1.23
N PHE C 159 8.17 31.48 0.09
CA PHE C 159 7.02 31.08 0.91
C PHE C 159 5.83 31.99 0.57
N GLY C 160 4.63 31.41 0.59
CA GLY C 160 3.44 32.18 0.27
C GLY C 160 2.21 31.29 0.29
N LEU C 161 1.16 31.72 -0.40
CA LEU C 161 -0.08 30.95 -0.48
C LEU C 161 0.15 29.49 -0.89
N GLN C 162 0.96 29.29 -1.91
CA GLN C 162 1.29 27.94 -2.35
C GLN C 162 2.31 27.45 -1.32
N SER C 163 1.86 26.54 -0.47
CA SER C 163 2.70 26.03 0.59
C SER C 163 3.93 25.28 0.13
N SER C 164 3.90 24.71 -1.08
CA SER C 164 5.01 23.90 -1.53
C SER C 164 5.73 24.28 -2.80
N VAL C 165 6.90 23.67 -2.99
CA VAL C 165 7.70 23.90 -4.19
C VAL C 165 8.29 22.55 -4.58
N THR C 166 8.57 22.39 -5.86
CA THR C 166 9.13 21.13 -6.31
C THR C 166 10.51 21.31 -6.90
N LEU C 167 11.45 20.48 -6.45
CA LEU C 167 12.79 20.50 -6.97
C LEU C 167 12.84 19.29 -7.89
N VAL C 168 13.19 19.49 -9.14
CA VAL C 168 13.28 18.35 -10.02
C VAL C 168 14.75 17.94 -10.06
N ILE C 169 15.02 16.66 -9.83
CA ILE C 169 16.38 16.15 -9.90
C ILE C 169 16.41 15.46 -11.26
N PRO C 170 16.69 16.24 -12.32
CA PRO C 170 16.74 15.72 -13.69
C PRO C 170 17.75 14.62 -13.89
N TRP C 171 17.40 13.66 -14.73
CA TRP C 171 18.28 12.56 -15.01
C TRP C 171 19.52 13.06 -15.76
N ILE C 172 20.63 13.14 -15.05
CA ILE C 172 21.90 13.57 -15.64
C ILE C 172 22.89 12.47 -15.27
N SER C 173 23.06 11.52 -16.18
CA SER C 173 23.92 10.38 -15.95
C SER C 173 24.75 10.11 -17.20
N ASN C 174 25.86 9.39 -17.04
CA ASN C 174 26.67 9.07 -18.18
C ASN C 174 26.10 7.81 -18.82
N THR C 175 25.62 6.88 -18.00
CA THR C 175 25.01 5.64 -18.48
C THR C 175 23.49 5.77 -18.57
N HIS C 176 22.87 4.94 -19.40
CA HIS C 176 21.42 4.97 -19.57
C HIS C 176 20.69 4.52 -18.31
N TYR C 177 21.36 3.70 -17.51
CA TYR C 177 20.79 3.20 -16.26
C TYR C 177 21.85 3.30 -15.18
N ARG C 178 21.40 3.37 -13.95
CA ARG C 178 22.31 3.41 -12.81
C ARG C 178 21.96 2.17 -11.98
N ALA C 179 22.96 1.54 -11.39
CA ALA C 179 22.72 0.41 -10.51
C ALA C 179 22.67 1.11 -9.14
N HIS C 180 22.33 0.42 -8.07
CA HIS C 180 22.28 1.08 -6.78
C HIS C 180 23.65 1.50 -6.35
N ALA C 181 23.78 2.78 -6.00
CA ALA C 181 25.06 3.33 -5.58
C ALA C 181 25.31 3.06 -4.11
N ARG C 182 26.59 2.89 -3.78
CA ARG C 182 27.03 2.68 -2.41
C ARG C 182 28.52 2.98 -2.39
N ASP C 183 29.08 3.11 -1.19
CA ASP C 183 30.50 3.41 -1.04
C ASP C 183 31.33 2.38 -1.79
N GLY C 184 32.42 2.83 -2.40
CA GLY C 184 33.25 1.91 -3.14
C GLY C 184 33.16 2.16 -4.63
N VAL C 185 33.54 1.18 -5.44
CA VAL C 185 33.49 1.39 -6.88
C VAL C 185 32.08 1.68 -7.38
N PHE C 186 31.07 1.29 -6.64
CA PHE C 186 29.71 1.57 -7.11
C PHE C 186 29.26 3.00 -6.92
N ASP C 187 30.14 3.84 -6.39
CA ASP C 187 29.79 5.25 -6.25
C ASP C 187 29.80 5.84 -7.67
N TYR C 188 30.24 5.02 -8.62
CA TYR C 188 30.27 5.40 -10.02
C TYR C 188 28.84 5.76 -10.44
N TYR C 189 27.85 5.14 -9.78
CA TYR C 189 26.45 5.37 -10.09
C TYR C 189 25.78 6.40 -9.18
N THR C 190 26.56 7.16 -8.43
CA THR C 190 25.91 8.13 -7.56
C THR C 190 25.15 9.19 -8.37
N THR C 191 24.03 9.63 -7.83
CA THR C 191 23.19 10.61 -8.48
C THR C 191 23.62 12.04 -8.19
N GLY C 192 24.11 12.28 -6.97
CA GLY C 192 24.53 13.62 -6.62
C GLY C 192 24.06 14.06 -5.24
N LEU C 193 24.12 15.36 -4.99
CA LEU C 193 23.73 15.88 -3.70
C LEU C 193 22.65 16.93 -3.78
N VAL C 194 21.88 17.06 -2.71
CA VAL C 194 20.84 18.09 -2.64
C VAL C 194 21.15 18.89 -1.39
N SER C 195 21.22 20.21 -1.52
CA SER C 195 21.49 21.06 -0.35
C SER C 195 20.48 22.19 -0.31
N ILE C 196 20.05 22.54 0.91
CA ILE C 196 19.08 23.60 1.08
C ILE C 196 19.70 24.75 1.86
N TRP C 197 19.60 25.97 1.31
CA TRP C 197 20.19 27.15 1.93
C TRP C 197 19.19 28.27 2.13
N TYR C 198 19.52 29.19 3.03
CA TYR C 198 18.66 30.33 3.26
C TYR C 198 19.03 31.35 2.18
N GLN C 199 18.06 31.69 1.32
CA GLN C 199 18.32 32.67 0.26
C GLN C 199 18.28 34.04 0.93
N THR C 200 17.24 34.29 1.71
CA THR C 200 17.15 35.53 2.46
C THR C 200 17.12 35.11 3.92
N ASN C 201 15.93 35.06 4.52
CA ASN C 201 15.79 34.65 5.90
C ASN C 201 14.34 34.28 6.24
N TYR C 202 14.17 33.54 7.34
CA TYR C 202 12.85 33.17 7.82
C TYR C 202 12.46 34.39 8.66
N VAL C 203 11.43 35.11 8.23
CA VAL C 203 11.01 36.31 8.93
C VAL C 203 9.62 36.10 9.49
N VAL C 204 9.38 36.65 10.66
CA VAL C 204 8.10 36.47 11.30
C VAL C 204 7.82 37.70 12.17
N PRO C 205 6.54 38.01 12.44
CA PRO C 205 6.30 39.20 13.27
C PRO C 205 6.16 38.80 14.74
N ILE C 206 5.87 39.77 15.59
CA ILE C 206 5.70 39.47 17.00
C ILE C 206 4.49 38.55 17.12
N GLY C 207 4.58 37.49 17.90
CA GLY C 207 3.43 36.61 18.09
C GLY C 207 3.38 35.29 17.35
N ALA C 208 4.33 35.06 16.46
CA ALA C 208 4.38 33.81 15.72
C ALA C 208 5.65 33.07 16.10
N PRO C 209 5.61 31.73 16.12
CA PRO C 209 6.76 30.89 16.47
C PRO C 209 8.02 31.21 15.66
N ASN C 210 9.19 31.08 16.29
CA ASN C 210 10.44 31.37 15.61
C ASN C 210 11.03 30.17 14.91
N THR C 211 10.35 29.04 15.06
CA THR C 211 10.78 27.80 14.43
C THR C 211 9.58 27.10 13.81
N ALA C 212 9.76 26.65 12.57
CA ALA C 212 8.71 25.94 11.87
C ALA C 212 9.35 24.77 11.15
N TYR C 213 8.54 23.87 10.62
CA TYR C 213 9.06 22.70 9.93
C TYR C 213 8.70 22.58 8.47
N ILE C 214 9.51 21.83 7.75
CA ILE C 214 9.30 21.56 6.34
C ILE C 214 9.15 20.05 6.21
N ILE C 215 8.19 19.60 5.42
CA ILE C 215 7.99 18.18 5.19
C ILE C 215 8.37 17.94 3.73
N ALA C 216 9.20 16.93 3.48
CA ALA C 216 9.63 16.63 2.12
C ALA C 216 8.93 15.38 1.58
N LEU C 217 8.37 15.51 0.38
CA LEU C 217 7.67 14.42 -0.28
C LEU C 217 8.40 14.10 -1.58
N ALA C 218 8.72 12.83 -1.80
CA ALA C 218 9.44 12.44 -3.00
C ALA C 218 8.80 11.33 -3.82
N ALA C 219 9.10 11.36 -5.12
CA ALA C 219 8.61 10.39 -6.08
C ALA C 219 9.41 10.49 -7.38
N ALA C 220 9.04 9.65 -8.35
CA ALA C 220 9.72 9.65 -9.63
C ALA C 220 8.89 10.34 -10.72
N GLN C 221 9.59 10.84 -11.75
CA GLN C 221 8.99 11.50 -12.91
C GLN C 221 8.47 10.42 -13.86
N LYS C 222 7.80 10.82 -14.94
CA LYS C 222 7.26 9.84 -15.87
C LYS C 222 8.27 9.18 -16.79
N ASN C 223 9.54 9.59 -16.74
CA ASN C 223 10.53 8.95 -17.62
C ASN C 223 11.28 7.87 -16.85
N PHE C 224 10.85 7.66 -15.61
CA PHE C 224 11.45 6.68 -14.71
C PHE C 224 11.03 5.25 -14.99
N THR C 225 12.00 4.34 -15.05
CA THR C 225 11.74 2.92 -15.25
C THR C 225 12.79 2.15 -14.46
N MET C 226 12.55 0.86 -14.23
CA MET C 226 13.51 0.04 -13.49
C MET C 226 13.69 -1.29 -14.21
N LYS C 227 14.83 -1.94 -14.02
CA LYS C 227 15.05 -3.23 -14.66
C LYS C 227 15.97 -4.16 -13.86
N LEU C 228 15.89 -5.44 -14.20
CA LEU C 228 16.65 -6.51 -13.56
C LEU C 228 16.19 -6.77 -12.13
N CYS C 229 15.07 -7.46 -12.06
CA CYS C 229 14.42 -7.86 -10.83
C CYS C 229 15.34 -8.60 -9.87
N LYS C 230 15.44 -8.11 -8.64
CA LYS C 230 16.28 -8.76 -7.64
C LYS C 230 15.61 -8.72 -6.27
N ASP C 231 16.18 -9.44 -5.32
CA ASP C 231 15.64 -9.42 -3.97
C ASP C 231 16.10 -8.19 -3.21
N ALA C 232 15.22 -7.67 -2.35
CA ALA C 232 15.54 -6.48 -1.55
C ALA C 232 16.66 -6.78 -0.57
N SER C 233 17.37 -5.75 -0.15
CA SER C 233 18.49 -5.96 0.78
C SER C 233 18.07 -6.37 2.18
N ASP C 234 16.82 -6.12 2.56
CA ASP C 234 16.34 -6.51 3.88
C ASP C 234 15.51 -7.79 3.84
N ILE C 235 15.57 -8.53 4.94
CA ILE C 235 14.75 -9.74 5.08
C ILE C 235 14.21 -9.54 6.49
N LEU C 236 12.96 -9.11 6.58
CA LEU C 236 12.36 -8.82 7.88
C LEU C 236 11.93 -9.98 8.75
N GLN C 237 12.88 -10.81 9.13
CA GLN C 237 12.60 -11.92 10.02
C GLN C 237 13.92 -12.33 10.68
N THR C 238 13.85 -12.63 11.98
CA THR C 238 15.01 -13.01 12.77
C THR C 238 15.14 -14.52 12.83
N GLY C 239 14.16 -15.15 13.44
CA GLY C 239 14.15 -16.60 13.53
C GLY C 239 12.98 -17.05 12.70
N THR C 240 12.34 -18.15 13.07
CA THR C 240 11.21 -18.60 12.28
C THR C 240 9.95 -17.83 12.73
N ILE C 241 9.08 -17.55 11.76
CA ILE C 241 7.83 -16.83 12.04
C ILE C 241 6.82 -17.90 12.42
N GLN C 242 6.27 -17.80 13.62
CA GLN C 242 5.34 -18.83 14.08
C GLN C 242 3.86 -18.50 13.99
N SER D 12 -7.65 -22.24 -27.84
CA SER D 12 -8.22 -23.56 -28.24
C SER D 12 -9.65 -23.69 -27.73
N HIS D 13 -10.05 -24.93 -27.46
CA HIS D 13 -11.38 -25.22 -26.94
C HIS D 13 -11.24 -25.73 -25.50
N GLU D 14 -10.78 -24.82 -24.63
CA GLU D 14 -10.57 -25.11 -23.22
C GLU D 14 -11.50 -24.33 -22.28
N ASN D 15 -11.46 -24.68 -21.00
CA ASN D 15 -12.28 -24.00 -19.99
C ASN D 15 -11.66 -22.64 -19.72
N SER D 16 -12.49 -21.63 -19.50
CA SER D 16 -11.99 -20.29 -19.23
C SER D 16 -11.94 -20.09 -17.72
N ASN D 17 -11.04 -20.82 -17.06
CA ASN D 17 -10.92 -20.75 -15.61
C ASN D 17 -9.64 -20.09 -15.08
N SER D 18 -9.02 -19.28 -15.92
CA SER D 18 -7.82 -18.55 -15.53
C SER D 18 -8.24 -17.44 -14.53
N ALA D 19 -7.34 -17.05 -13.65
CA ALA D 19 -7.67 -16.01 -12.67
C ALA D 19 -7.90 -14.65 -13.31
N THR D 20 -7.34 -14.47 -14.51
CA THR D 20 -7.48 -13.21 -15.21
C THR D 20 -8.53 -13.18 -16.32
N GLU D 21 -9.39 -14.19 -16.37
CA GLU D 21 -10.44 -14.24 -17.38
C GLU D 21 -11.31 -12.98 -17.21
N GLY D 22 -11.50 -12.24 -18.30
CA GLY D 22 -12.31 -11.02 -18.23
C GLY D 22 -11.58 -9.82 -17.63
N SER D 23 -10.28 -9.73 -17.89
CA SER D 23 -9.46 -8.64 -17.37
C SER D 23 -9.35 -7.55 -18.44
N THR D 24 -9.00 -6.34 -17.99
CA THR D 24 -8.86 -5.18 -18.87
C THR D 24 -7.69 -5.30 -19.85
N ILE D 25 -6.68 -6.10 -19.47
CA ILE D 25 -5.50 -6.31 -20.30
C ILE D 25 -5.50 -7.72 -20.87
N ASN D 26 -5.06 -7.85 -22.12
CA ASN D 26 -4.99 -9.16 -22.78
C ASN D 26 -3.60 -9.80 -22.68
N TYR D 27 -3.59 -11.10 -22.44
CA TYR D 27 -2.36 -11.86 -22.31
C TYR D 27 -2.14 -12.74 -23.52
N THR D 28 -0.90 -13.17 -23.70
CA THR D 28 -0.54 -14.07 -24.78
C THR D 28 0.23 -15.19 -24.07
N THR D 29 -0.44 -16.33 -23.88
CA THR D 29 0.12 -17.47 -23.16
C THR D 29 0.18 -18.79 -23.91
N ILE D 30 0.75 -19.80 -23.26
CA ILE D 30 0.86 -21.14 -23.84
C ILE D 30 0.22 -22.12 -22.86
N ASN D 31 -0.34 -23.21 -23.39
CA ASN D 31 -1.00 -24.20 -22.54
C ASN D 31 -1.16 -25.53 -23.29
N TYR D 32 -1.24 -26.64 -22.56
CA TYR D 32 -1.41 -27.97 -23.17
C TYR D 32 -2.54 -28.73 -22.49
N TYR D 33 -3.23 -28.09 -21.54
CA TYR D 33 -4.29 -28.75 -20.81
C TYR D 33 -5.64 -28.10 -21.06
N LYS D 34 -6.72 -28.77 -20.68
CA LYS D 34 -8.03 -28.21 -20.91
C LYS D 34 -8.41 -27.07 -19.97
N ASP D 35 -7.64 -26.85 -18.91
CA ASP D 35 -7.94 -25.77 -17.97
C ASP D 35 -6.94 -24.65 -18.20
N SER D 36 -7.44 -23.45 -18.51
CA SER D 36 -6.54 -22.36 -18.81
C SER D 36 -5.72 -21.82 -17.67
N TYR D 37 -6.04 -22.16 -16.42
CA TYR D 37 -5.21 -21.64 -15.35
C TYR D 37 -3.88 -22.40 -15.33
N ALA D 38 -3.79 -23.47 -16.11
CA ALA D 38 -2.56 -24.25 -16.18
C ALA D 38 -1.56 -23.53 -17.11
N ALA D 39 -2.05 -22.56 -17.86
CA ALA D 39 -1.23 -21.82 -18.80
C ALA D 39 -0.07 -21.04 -18.17
N THR D 40 0.87 -20.62 -19.03
CA THR D 40 2.02 -19.85 -18.61
C THR D 40 1.58 -18.44 -18.20
N ALA D 41 2.49 -17.66 -17.63
CA ALA D 41 2.16 -16.31 -17.22
C ALA D 41 2.04 -15.42 -18.45
N GLY D 42 2.91 -15.69 -19.43
CA GLY D 42 2.90 -14.96 -20.68
C GLY D 42 3.38 -13.52 -20.64
N LYS D 43 2.90 -12.73 -21.60
CA LYS D 43 3.22 -11.30 -21.70
C LYS D 43 1.95 -10.55 -21.39
N GLN D 44 2.06 -9.48 -20.62
CA GLN D 44 0.89 -8.68 -20.27
C GLN D 44 0.83 -7.47 -21.18
N SER D 45 -0.26 -6.72 -21.07
CA SER D 45 -0.45 -5.52 -21.86
C SER D 45 0.12 -4.41 -20.99
N LEU D 46 0.85 -3.50 -21.61
CA LEU D 46 1.48 -2.42 -20.88
C LEU D 46 0.70 -1.11 -20.71
N LYS D 47 -0.45 -1.17 -20.06
CA LYS D 47 -1.24 0.03 -19.80
C LYS D 47 -0.90 0.48 -18.37
N GLN D 48 -1.07 1.76 -18.08
CA GLN D 48 -0.80 2.30 -16.76
C GLN D 48 -1.77 3.41 -16.45
N ASP D 49 -2.06 3.62 -15.17
CA ASP D 49 -2.96 4.67 -14.77
C ASP D 49 -2.46 5.25 -13.45
N PRO D 50 -1.40 6.07 -13.53
CA PRO D 50 -0.82 6.67 -12.32
C PRO D 50 -1.77 7.61 -11.59
N ASP D 51 -2.54 8.39 -12.35
CA ASP D 51 -3.47 9.36 -11.77
C ASP D 51 -4.39 8.80 -10.70
N LYS D 52 -4.78 7.55 -10.85
CA LYS D 52 -5.66 6.88 -9.90
C LYS D 52 -5.11 7.03 -8.47
N PHE D 53 -3.79 7.04 -8.34
CA PHE D 53 -3.13 7.15 -7.04
C PHE D 53 -2.41 8.48 -6.82
N ALA D 54 -1.83 9.02 -7.89
CA ALA D 54 -1.07 10.26 -7.77
C ALA D 54 -1.83 11.54 -7.98
N ASN D 55 -3.02 11.45 -8.57
CA ASN D 55 -3.78 12.67 -8.82
C ASN D 55 -5.29 12.42 -8.80
N PRO D 56 -5.81 11.88 -7.69
CA PRO D 56 -7.25 11.61 -7.60
C PRO D 56 -8.09 12.79 -7.11
N VAL D 57 -7.87 13.96 -7.69
CA VAL D 57 -8.60 15.16 -7.29
C VAL D 57 -9.86 15.31 -8.12
N LYS D 58 -10.91 15.88 -7.53
CA LYS D 58 -12.16 16.07 -8.23
C LYS D 58 -12.03 17.11 -9.36
N ASP D 59 -11.56 18.31 -9.00
CA ASP D 59 -11.36 19.40 -9.97
C ASP D 59 -9.87 19.48 -10.28
N ILE D 60 -9.47 18.95 -11.45
CA ILE D 60 -8.05 18.96 -11.83
C ILE D 60 -7.47 20.34 -12.17
N PHE D 61 -6.27 20.62 -11.65
CA PHE D 61 -5.57 21.89 -11.87
C PHE D 61 -4.39 21.69 -12.84
N THR D 62 -4.01 22.75 -13.56
CA THR D 62 -2.91 22.66 -14.53
C THR D 62 -1.54 22.70 -13.89
N GLU D 63 -0.51 22.50 -14.71
CA GLU D 63 0.87 22.54 -14.24
C GLU D 63 1.27 24.00 -14.05
N MET D 64 0.88 24.82 -15.03
CA MET D 64 1.18 26.26 -15.07
C MET D 64 0.43 27.10 -14.01
N ALA D 65 -0.75 26.63 -13.60
CA ALA D 65 -1.56 27.34 -12.64
C ALA D 65 -1.08 27.21 -11.19
N ALA D 66 -1.64 28.06 -10.35
CA ALA D 66 -1.34 28.04 -8.93
C ALA D 66 -2.44 27.11 -8.40
N PRO D 67 -2.06 25.92 -7.88
CA PRO D 67 -2.97 24.90 -7.34
C PRO D 67 -4.15 25.36 -6.47
N LEU D 68 -3.95 26.43 -5.70
CA LEU D 68 -5.00 26.98 -4.83
C LEU D 68 -5.33 28.43 -5.16
N LYS D 69 -6.56 28.69 -5.61
CA LYS D 69 -6.96 30.05 -5.92
C LYS D 69 -8.48 30.15 -5.84
CAA 7VR E . -1.61 -33.23 -5.11
CAL 7VR E . -1.62 -32.01 -4.19
OAV 7VR E . -1.09 -30.91 -4.93
NAT 7VR E . -1.71 -29.67 -4.46
CAC 7VR E . -0.86 -28.71 -4.04
CAY 7VR E . -1.47 -27.54 -3.62
CAI 7VR E . -0.69 -26.39 -3.44
CAK 7VR E . -1.29 -25.20 -3.07
CAH 7VR E . -2.84 -27.49 -3.41
CAJ 7VR E . -3.44 -26.29 -3.03
CAZ 7VR E . -2.67 -25.14 -2.88
OAW 7VR E . -3.28 -23.97 -2.54
CAP 7VR E . -2.35 -22.90 -2.43
CAN 7VR E . -3.16 -21.63 -2.17
CAM 7VR E . -2.21 -20.50 -1.78
CAO 7VR E . -3.04 -19.37 -1.18
CAQ 7VR E . -2.15 -18.64 -0.18
NBB 7VR E . -2.89 -17.59 0.57
CAX 7VR E . -2.63 -17.21 1.81
OAB 7VR E . -1.74 -17.73 2.48
CAR 7VR E . -4.13 -16.91 0.12
CAS 7VR E . -4.17 -15.70 1.06
NBC 7VR E . -3.39 -16.20 2.22
CBA 7VR E . -3.38 -15.60 3.42
CAF 7VR E . -2.57 -16.09 4.44
CAD 7VR E . -2.57 -15.48 5.69
NAU 7VR E . -3.39 -14.37 5.92
CAE 7VR E . -4.22 -13.90 4.89
CAG 7VR E . -4.23 -14.54 3.67
NA NA F . 23.41 -36.39 -31.17
#